data_1JYL
#
_entry.id   1JYL
#
_cell.length_a   48.2
_cell.length_b   69.0
_cell.length_c   81.6
_cell.angle_alpha   93.4
_cell.angle_beta   92.8
_cell.angle_gamma   97.1
#
_symmetry.space_group_name_H-M   'P 1'
#
loop_
_entity.id
_entity.type
_entity.pdbx_description
1 polymer 'CTP:phosphocholine Cytidylyltransferase'
2 non-polymer 'MAGNESIUM ION'
3 non-polymer "[2-CYTIDYLATE-O'-PHOSPHONYLOXYL]-ETHYL-TRIMETHYL-AMMONIUM"
4 water water
#
_entity_poly.entity_id   1
_entity_poly.type   'polypeptide(L)'
_entity_poly.pdbx_seq_one_letter_code
;MGSSHHHHHHSSGLVPRGSHMKEIRVKAIILAAGLGTRLRPLTENTPKALVQVNQKPLIEYQIEFLKEKGINDIIIIVGY
LKEQFDYLKEKYGVRLVFNDKYADYNNFYSLYLVKEELANSYVIDADNYLFKNMFRNDLTRSTYFSVYREDCTNEWFLVY
GDDYKVQDIIVDSKAGRILSGVSFWDAPTAEKIVSFIDKAYVSGEFVDLYWDNMVKDNIKELDVYVEELEGNSIYEIDSV
QDYRKLEEILKNEN
;
_entity_poly.pdbx_strand_id   A,B,C,D
#
loop_
_chem_comp.id
_chem_comp.type
_chem_comp.name
_chem_comp.formula
CDC non-polymer [2-CYTIDYLATE-O'-PHOSPHONYLOXYL]-ETHYL-TRIMETHYL-AMMONIUM 'C14 H26 N4 O11 P2'
MG non-polymer 'MAGNESIUM ION' 'Mg 2'
#
# COMPACT_ATOMS: atom_id res chain seq x y z
N ILE A 24 26.25 19.47 -35.04
CA ILE A 24 26.22 18.02 -35.38
C ILE A 24 26.83 17.17 -34.24
N ARG A 25 27.14 17.83 -33.12
CA ARG A 25 27.67 17.14 -31.95
C ARG A 25 26.52 17.05 -30.93
N VAL A 26 26.39 15.86 -30.34
CA VAL A 26 25.35 15.57 -29.37
C VAL A 26 25.75 16.06 -27.99
N LYS A 27 24.83 16.77 -27.35
CA LYS A 27 25.05 17.30 -26.01
C LYS A 27 23.89 16.87 -25.10
N ALA A 28 24.15 16.83 -23.81
CA ALA A 28 23.12 16.44 -22.84
C ALA A 28 22.75 17.62 -21.94
N ILE A 29 21.47 17.70 -21.58
CA ILE A 29 20.94 18.73 -20.68
C ILE A 29 20.20 18.01 -19.52
N ILE A 30 20.80 18.06 -18.33
CA ILE A 30 20.28 17.41 -17.13
C ILE A 30 19.59 18.37 -16.18
N LEU A 31 18.28 18.23 -16.04
CA LEU A 31 17.51 19.05 -15.13
C LEU A 31 17.76 18.50 -13.71
N ALA A 32 18.19 19.35 -12.76
CA ALA A 32 18.49 18.90 -11.38
C ALA A 32 18.33 19.98 -10.29
N ALA A 33 17.54 21.00 -10.57
CA ALA A 33 17.38 22.10 -9.62
C ALA A 33 16.30 21.94 -8.56
N GLY A 34 15.42 20.96 -8.74
CA GLY A 34 14.32 20.77 -7.80
C GLY A 34 14.64 20.64 -6.32
N LEU A 35 13.63 20.90 -5.49
CA LEU A 35 13.79 20.77 -4.04
C LEU A 35 13.82 19.31 -3.63
N GLY A 36 13.09 18.45 -4.35
CA GLY A 36 13.05 17.04 -4.02
C GLY A 36 12.37 16.80 -2.69
N THR A 37 11.38 17.62 -2.38
CA THR A 37 10.70 17.51 -1.11
C THR A 37 10.11 16.13 -0.83
N ARG A 38 9.70 15.43 -1.88
CA ARG A 38 9.10 14.12 -1.69
C ARG A 38 10.13 13.06 -1.28
N LEU A 39 11.38 13.47 -1.06
CA LEU A 39 12.39 12.50 -0.63
C LEU A 39 12.94 12.79 0.77
N ARG A 40 12.32 13.75 1.46
N ARG A 40 12.33 13.76 1.46
CA ARG A 40 12.77 14.08 2.80
CA ARG A 40 12.76 14.10 2.81
C ARG A 40 12.49 12.89 3.70
C ARG A 40 12.49 12.89 3.70
N PRO A 41 13.31 12.68 4.75
CA PRO A 41 14.46 13.49 5.15
C PRO A 41 15.72 13.26 4.35
N LEU A 42 15.73 12.22 3.53
CA LEU A 42 16.90 11.90 2.72
C LEU A 42 17.48 13.12 1.98
N THR A 43 16.60 14.03 1.59
CA THR A 43 16.97 15.21 0.84
C THR A 43 16.92 16.58 1.53
N GLU A 44 17.03 16.65 2.86
CA GLU A 44 17.00 17.97 3.47
C GLU A 44 18.40 18.62 3.34
N ASN A 45 19.46 17.83 3.36
CA ASN A 45 20.80 18.39 3.20
C ASN A 45 21.59 17.80 2.04
N THR A 46 20.88 17.28 1.03
CA THR A 46 21.51 16.70 -0.17
C THR A 46 20.53 16.84 -1.33
N PRO A 47 21.00 17.25 -2.53
CA PRO A 47 20.04 17.35 -3.63
C PRO A 47 19.71 15.93 -4.11
N LYS A 48 18.47 15.72 -4.55
CA LYS A 48 18.02 14.41 -5.02
C LYS A 48 19.01 13.86 -6.03
N ALA A 49 19.43 14.73 -6.94
CA ALA A 49 20.37 14.37 -8.00
C ALA A 49 21.65 13.80 -7.43
N LEU A 50 21.98 14.18 -6.21
CA LEU A 50 23.21 13.68 -5.60
C LEU A 50 23.00 12.56 -4.61
N VAL A 51 21.73 12.24 -4.30
CA VAL A 51 21.45 11.11 -3.38
C VAL A 51 22.18 9.91 -3.98
N GLN A 52 22.71 9.02 -3.16
CA GLN A 52 23.42 7.92 -3.79
C GLN A 52 22.89 6.54 -3.59
N VAL A 53 23.05 5.73 -4.62
CA VAL A 53 22.62 4.35 -4.59
C VAL A 53 23.89 3.60 -4.91
N ASN A 54 24.27 2.69 -4.00
CA ASN A 54 25.48 1.91 -4.13
C ASN A 54 26.72 2.77 -3.95
N GLN A 55 26.64 3.72 -3.01
CA GLN A 55 27.75 4.64 -2.75
C GLN A 55 28.14 5.30 -4.05
N LYS A 56 27.16 5.92 -4.71
CA LYS A 56 27.41 6.59 -5.96
C LYS A 56 26.23 7.48 -6.28
N PRO A 57 26.48 8.78 -6.43
CA PRO A 57 25.43 9.74 -6.72
C PRO A 57 24.68 9.41 -8.03
N LEU A 58 23.39 9.71 -8.02
CA LEU A 58 22.54 9.44 -9.16
C LEU A 58 23.08 10.10 -10.42
N ILE A 59 23.31 11.40 -10.35
CA ILE A 59 23.78 12.15 -11.50
C ILE A 59 25.09 11.61 -12.10
N GLU A 60 25.89 10.95 -11.28
CA GLU A 60 27.16 10.40 -11.77
C GLU A 60 26.94 9.21 -12.70
N TYR A 61 25.92 8.40 -12.45
CA TYR A 61 25.66 7.25 -13.31
C TYR A 61 25.36 7.78 -14.72
N GLN A 62 24.50 8.80 -14.77
CA GLN A 62 24.10 9.42 -16.03
C GLN A 62 25.24 10.09 -16.77
N ILE A 63 26.05 10.85 -16.04
CA ILE A 63 27.16 11.53 -16.65
C ILE A 63 28.17 10.53 -17.19
N GLU A 64 28.48 9.50 -16.41
CA GLU A 64 29.45 8.51 -16.86
C GLU A 64 28.93 7.68 -18.03
N PHE A 65 27.62 7.49 -18.11
CA PHE A 65 27.03 6.74 -19.22
C PHE A 65 27.11 7.62 -20.45
N LEU A 66 26.66 8.87 -20.31
CA LEU A 66 26.66 9.85 -21.38
C LEU A 66 28.08 10.03 -21.95
N LYS A 67 29.07 10.12 -21.08
CA LYS A 67 30.44 10.26 -21.55
C LYS A 67 30.89 9.02 -22.32
N GLU A 68 30.75 7.83 -21.70
CA GLU A 68 31.18 6.59 -22.35
C GLU A 68 30.67 6.36 -23.78
N LYS A 69 29.56 7.00 -24.11
CA LYS A 69 28.98 6.93 -25.44
C LYS A 69 29.33 8.17 -26.25
N GLY A 70 30.36 8.89 -25.79
CA GLY A 70 30.81 10.09 -26.50
C GLY A 70 30.06 11.40 -26.30
N ILE A 71 29.21 11.49 -25.29
CA ILE A 71 28.51 12.75 -25.08
C ILE A 71 29.16 13.50 -23.92
N ASN A 72 30.21 14.26 -24.23
CA ASN A 72 30.91 15.01 -23.20
C ASN A 72 30.48 16.47 -23.08
N ASP A 73 29.51 16.87 -23.92
CA ASP A 73 28.98 18.22 -23.85
C ASP A 73 27.78 18.18 -22.90
N ILE A 74 28.05 18.21 -21.61
CA ILE A 74 26.99 18.13 -20.62
C ILE A 74 26.71 19.41 -19.83
N ILE A 75 25.45 19.81 -19.81
CA ILE A 75 24.95 20.99 -19.10
C ILE A 75 23.95 20.59 -17.98
N ILE A 76 24.29 20.85 -16.73
CA ILE A 76 23.41 20.52 -15.60
C ILE A 76 22.81 21.78 -15.00
N ILE A 77 21.49 21.91 -15.01
CA ILE A 77 20.86 23.07 -14.39
C ILE A 77 20.75 22.66 -12.91
N VAL A 78 21.05 23.60 -12.01
CA VAL A 78 21.03 23.34 -10.58
C VAL A 78 20.36 24.50 -9.85
N GLY A 79 20.08 24.29 -8.58
CA GLY A 79 19.45 25.32 -7.78
C GLY A 79 19.63 24.89 -6.34
N TYR A 80 18.55 24.34 -5.79
CA TYR A 80 18.52 23.81 -4.43
C TYR A 80 19.84 23.08 -4.13
N LEU A 81 20.58 23.56 -3.13
CA LEU A 81 21.87 22.98 -2.72
C LEU A 81 22.94 22.94 -3.83
N LYS A 82 22.83 23.85 -4.79
CA LYS A 82 23.75 23.94 -5.91
C LYS A 82 25.24 23.75 -5.58
N GLU A 83 25.70 24.37 -4.50
CA GLU A 83 27.10 24.28 -4.09
C GLU A 83 27.61 22.86 -4.04
N GLN A 84 26.72 21.88 -3.90
CA GLN A 84 27.19 20.49 -3.83
C GLN A 84 27.48 19.85 -5.19
N PHE A 85 27.25 20.59 -6.27
CA PHE A 85 27.49 20.04 -7.61
C PHE A 85 28.85 20.43 -8.15
N ASP A 86 29.34 21.58 -7.66
CA ASP A 86 30.62 22.17 -8.06
C ASP A 86 31.78 21.23 -8.36
N TYR A 87 31.90 20.14 -7.63
CA TYR A 87 33.00 19.20 -7.85
C TYR A 87 32.93 18.49 -9.19
N LEU A 88 31.73 18.43 -9.75
CA LEU A 88 31.52 17.75 -11.02
C LEU A 88 32.31 18.43 -12.13
N LYS A 89 32.38 19.76 -12.07
CA LYS A 89 33.11 20.54 -13.06
C LYS A 89 34.52 20.02 -13.19
N GLU A 90 35.19 19.89 -12.05
CA GLU A 90 36.55 19.41 -12.03
C GLU A 90 36.65 17.96 -12.41
N LYS A 91 35.68 17.17 -11.95
CA LYS A 91 35.69 15.74 -12.18
C LYS A 91 35.25 15.21 -13.54
N TYR A 92 34.22 15.79 -14.15
CA TYR A 92 33.73 15.33 -15.45
C TYR A 92 33.82 16.40 -16.54
N GLY A 93 33.98 17.66 -16.14
CA GLY A 93 34.06 18.70 -17.14
C GLY A 93 32.67 19.08 -17.62
N VAL A 94 31.73 19.12 -16.69
CA VAL A 94 30.36 19.46 -17.00
C VAL A 94 30.15 20.94 -16.70
N ARG A 95 29.14 21.55 -17.30
CA ARG A 95 28.87 22.95 -17.05
C ARG A 95 27.62 22.99 -16.18
N LEU A 96 27.67 23.76 -15.09
CA LEU A 96 26.54 23.88 -14.21
C LEU A 96 25.92 25.21 -14.50
N VAL A 97 24.61 25.29 -14.49
CA VAL A 97 23.95 26.55 -14.76
C VAL A 97 22.97 26.79 -13.64
N PHE A 98 23.05 27.97 -13.04
CA PHE A 98 22.21 28.28 -11.91
C PHE A 98 20.85 28.88 -12.18
N ASN A 99 19.83 28.15 -11.76
CA ASN A 99 18.45 28.59 -11.87
C ASN A 99 18.07 29.16 -10.52
N ASP A 100 18.04 30.47 -10.41
CA ASP A 100 17.70 31.11 -9.16
C ASP A 100 16.24 30.98 -8.76
N LYS A 101 15.36 30.72 -9.72
CA LYS A 101 13.95 30.60 -9.40
C LYS A 101 13.61 29.14 -9.14
N TYR A 102 14.62 28.32 -8.94
CA TYR A 102 14.38 26.90 -8.71
C TYR A 102 13.30 26.55 -7.70
N ALA A 103 12.95 27.47 -6.83
CA ALA A 103 11.91 27.19 -5.85
C ALA A 103 10.64 27.92 -6.19
N ASP A 104 10.74 28.85 -7.14
CA ASP A 104 9.62 29.66 -7.55
C ASP A 104 8.79 28.99 -8.66
N TYR A 105 9.48 28.52 -9.70
CA TYR A 105 8.85 27.90 -10.86
C TYR A 105 9.22 26.44 -11.07
N ASN A 106 8.34 25.73 -11.80
CA ASN A 106 8.55 24.33 -12.16
C ASN A 106 9.64 24.29 -13.24
N ASN A 107 10.20 23.12 -13.53
CA ASN A 107 11.29 23.08 -14.50
C ASN A 107 11.11 23.63 -15.90
N PHE A 108 9.96 24.22 -16.20
CA PHE A 108 9.80 24.83 -17.51
C PHE A 108 10.92 25.87 -17.57
N TYR A 109 10.98 26.67 -16.52
CA TYR A 109 11.99 27.71 -16.43
C TYR A 109 13.42 27.16 -16.43
N SER A 110 13.65 26.03 -15.79
CA SER A 110 15.00 25.48 -15.79
C SER A 110 15.49 25.27 -17.22
N LEU A 111 14.63 24.74 -18.09
CA LEU A 111 15.03 24.50 -19.47
C LEU A 111 15.06 25.81 -20.28
N TYR A 112 14.13 26.72 -19.98
CA TYR A 112 14.10 28.01 -20.67
C TYR A 112 15.51 28.62 -20.68
N LEU A 113 16.16 28.58 -19.52
CA LEU A 113 17.50 29.10 -19.39
C LEU A 113 18.42 28.64 -20.50
N VAL A 114 18.33 27.36 -20.85
CA VAL A 114 19.18 26.81 -21.89
C VAL A 114 18.39 26.37 -23.12
N LYS A 115 17.28 27.07 -23.37
CA LYS A 115 16.41 26.78 -24.51
C LYS A 115 17.11 26.81 -25.88
N GLU A 116 18.30 27.38 -25.94
CA GLU A 116 19.00 27.44 -27.21
C GLU A 116 19.91 26.25 -27.44
N GLU A 117 20.23 25.48 -26.40
CA GLU A 117 21.11 24.32 -26.58
C GLU A 117 20.31 23.03 -26.82
N LEU A 118 18.99 23.20 -26.93
CA LEU A 118 18.08 22.08 -27.13
C LEU A 118 18.45 21.18 -28.33
N ALA A 119 18.51 21.76 -29.52
CA ALA A 119 18.84 21.05 -30.74
C ALA A 119 19.87 19.94 -30.54
N ASN A 120 19.55 18.76 -31.06
CA ASN A 120 20.40 17.58 -30.97
C ASN A 120 20.99 17.35 -29.57
N SER A 121 20.10 17.29 -28.60
CA SER A 121 20.58 17.05 -27.25
C SER A 121 19.57 16.28 -26.44
N TYR A 122 20.08 15.52 -25.48
CA TYR A 122 19.24 14.74 -24.58
C TYR A 122 18.74 15.65 -23.45
N VAL A 123 17.50 15.46 -23.00
CA VAL A 123 16.99 16.19 -21.85
C VAL A 123 16.70 15.09 -20.84
N ILE A 124 17.40 15.15 -19.71
CA ILE A 124 17.33 14.17 -18.63
C ILE A 124 16.92 14.67 -17.24
N ASP A 125 15.93 14.00 -16.65
CA ASP A 125 15.46 14.31 -15.30
C ASP A 125 16.45 13.61 -14.36
N ALA A 126 17.21 14.40 -13.59
CA ALA A 126 18.26 13.91 -12.69
C ALA A 126 17.90 12.86 -11.65
N ASP A 127 16.64 12.85 -11.24
CA ASP A 127 16.16 11.94 -10.21
C ASP A 127 15.74 10.56 -10.69
N ASN A 128 16.57 9.94 -11.51
CA ASN A 128 16.27 8.64 -12.03
C ASN A 128 17.53 7.82 -12.02
N TYR A 129 17.38 6.53 -11.72
CA TYR A 129 18.55 5.66 -11.73
C TYR A 129 18.49 4.93 -13.08
N LEU A 130 19.65 4.72 -13.69
CA LEU A 130 19.65 4.03 -14.96
C LEU A 130 20.36 2.70 -14.82
N PHE A 131 19.63 1.62 -15.06
CA PHE A 131 20.23 0.30 -14.96
C PHE A 131 21.11 0.06 -16.17
N LYS A 132 20.76 0.63 -17.30
CA LYS A 132 21.62 0.44 -18.47
C LYS A 132 21.79 1.69 -19.31
N ASN A 133 22.92 1.72 -19.99
CA ASN A 133 23.23 2.85 -20.83
C ASN A 133 22.47 2.84 -22.15
N MET A 134 21.35 3.55 -22.19
CA MET A 134 20.57 3.59 -23.42
C MET A 134 20.83 4.88 -24.19
N PHE A 135 22.04 5.43 -24.05
CA PHE A 135 22.36 6.66 -24.75
C PHE A 135 23.15 6.35 -25.99
N ARG A 136 22.91 7.11 -27.05
CA ARG A 136 23.62 6.94 -28.30
C ARG A 136 23.81 8.30 -28.99
N ASN A 137 24.93 8.46 -29.69
CA ASN A 137 25.20 9.72 -30.38
C ASN A 137 24.89 9.62 -31.87
N ASP A 138 24.09 8.63 -32.24
CA ASP A 138 23.71 8.43 -33.63
C ASP A 138 22.22 8.72 -33.82
N LEU A 139 21.52 9.07 -32.75
CA LEU A 139 20.09 9.36 -32.84
C LEU A 139 19.91 10.35 -33.98
N THR A 140 18.79 10.26 -34.67
CA THR A 140 18.54 11.15 -35.80
C THR A 140 17.19 11.84 -35.72
N ARG A 141 16.36 11.37 -34.81
CA ARG A 141 15.04 11.98 -34.67
C ARG A 141 14.66 12.11 -33.21
N SER A 142 13.70 12.98 -32.94
CA SER A 142 13.21 13.20 -31.62
C SER A 142 12.69 11.91 -31.01
N THR A 143 13.19 11.57 -29.84
CA THR A 143 12.80 10.34 -29.20
C THR A 143 12.46 10.54 -27.71
N TYR A 144 11.53 9.72 -27.23
CA TYR A 144 11.11 9.59 -25.84
C TYR A 144 11.55 8.17 -25.47
N PHE A 145 12.50 7.96 -24.56
CA PHE A 145 12.88 6.55 -24.23
C PHE A 145 11.93 6.09 -23.15
N SER A 146 10.89 5.37 -23.56
CA SER A 146 9.82 4.92 -22.65
C SER A 146 9.92 3.59 -21.96
N VAL A 147 9.28 3.50 -20.80
CA VAL A 147 9.23 2.27 -20.01
C VAL A 147 7.78 1.90 -19.85
N TYR A 148 7.50 0.62 -19.77
CA TYR A 148 6.12 0.25 -19.64
C TYR A 148 5.74 0.05 -18.18
N ARG A 149 4.68 0.70 -17.75
CA ARG A 149 4.28 0.53 -16.37
C ARG A 149 3.09 -0.40 -16.29
N GLU A 150 3.35 -1.64 -15.85
CA GLU A 150 2.32 -2.66 -15.73
C GLU A 150 1.34 -2.31 -14.63
N ASP A 151 1.81 -1.66 -13.56
CA ASP A 151 0.92 -1.28 -12.47
C ASP A 151 0.00 -0.17 -12.93
N CYS A 152 -0.31 0.78 -12.06
CA CYS A 152 -1.19 1.88 -12.42
C CYS A 152 -1.05 3.10 -11.49
N THR A 153 -0.30 4.09 -11.93
CA THR A 153 -0.08 5.31 -11.16
C THR A 153 -0.47 6.43 -12.08
N ASN A 154 -0.39 7.66 -11.62
CA ASN A 154 -0.74 8.76 -12.51
C ASN A 154 0.55 9.27 -13.13
N GLU A 155 0.61 9.28 -14.45
CA GLU A 155 1.80 9.78 -15.11
C GLU A 155 1.42 10.42 -16.44
N TRP A 156 2.39 10.63 -17.31
CA TRP A 156 2.14 11.18 -18.64
C TRP A 156 2.33 9.96 -19.56
N PHE A 157 1.28 9.66 -20.34
CA PHE A 157 1.28 8.51 -21.21
C PHE A 157 1.44 8.77 -22.71
N LEU A 158 2.29 7.96 -23.32
CA LEU A 158 2.61 8.07 -24.74
C LEU A 158 1.67 7.24 -25.63
N VAL A 159 0.90 7.94 -26.47
CA VAL A 159 -0.05 7.33 -27.39
C VAL A 159 0.58 7.21 -28.80
N TYR A 160 1.00 6.01 -29.18
CA TYR A 160 1.63 5.82 -30.48
C TYR A 160 1.25 4.55 -31.24
N GLY A 161 1.43 4.59 -32.57
CA GLY A 161 1.14 3.46 -33.43
C GLY A 161 2.29 2.50 -33.66
N ASP A 162 2.27 1.87 -34.84
CA ASP A 162 3.29 0.90 -35.23
C ASP A 162 4.48 1.59 -35.85
N ASP A 163 4.36 2.89 -36.09
CA ASP A 163 5.45 3.67 -36.67
C ASP A 163 6.28 4.22 -35.52
N TYR A 164 5.69 4.12 -34.32
CA TYR A 164 6.31 4.60 -33.09
C TYR A 164 6.27 6.11 -33.08
N LYS A 165 5.52 6.68 -34.01
CA LYS A 165 5.41 8.12 -34.06
C LYS A 165 4.43 8.45 -32.96
N VAL A 166 4.79 9.42 -32.11
CA VAL A 166 3.94 9.82 -31.01
C VAL A 166 2.72 10.56 -31.56
N GLN A 167 1.54 10.10 -31.20
CA GLN A 167 0.29 10.70 -31.66
C GLN A 167 -0.28 11.61 -30.58
N ASP A 168 -0.08 11.23 -29.32
CA ASP A 168 -0.61 11.99 -28.20
C ASP A 168 0.11 11.71 -26.89
N ILE A 169 -0.05 12.62 -25.93
CA ILE A 169 0.55 12.46 -24.61
C ILE A 169 -0.55 12.83 -23.65
N ILE A 170 -0.95 11.89 -22.79
CA ILE A 170 -2.04 12.17 -21.87
C ILE A 170 -1.65 11.97 -20.42
N VAL A 171 -2.15 12.86 -19.56
CA VAL A 171 -1.91 12.74 -18.13
C VAL A 171 -3.03 11.83 -17.67
N ASP A 172 -2.71 10.88 -16.80
CA ASP A 172 -3.74 9.94 -16.37
C ASP A 172 -3.13 8.99 -15.38
N SER A 173 -3.97 8.17 -14.78
CA SER A 173 -3.51 7.18 -13.82
C SER A 173 -3.91 5.82 -14.41
N LYS A 174 -2.92 5.02 -14.83
CA LYS A 174 -3.21 3.71 -15.39
C LYS A 174 -1.90 3.05 -15.76
N ALA A 175 -1.97 2.09 -16.69
CA ALA A 175 -0.77 1.38 -17.14
C ALA A 175 -0.41 1.87 -18.53
N GLY A 176 0.79 1.55 -18.99
CA GLY A 176 1.18 1.97 -20.31
C GLY A 176 2.64 2.36 -20.43
N ARG A 177 2.93 3.09 -21.51
CA ARG A 177 4.25 3.61 -21.81
C ARG A 177 4.15 5.06 -21.39
N ILE A 178 5.11 5.45 -20.57
CA ILE A 178 5.12 6.78 -19.99
C ILE A 178 6.38 7.55 -20.26
N LEU A 179 6.28 8.88 -20.18
CA LEU A 179 7.47 9.72 -20.34
C LEU A 179 8.34 9.27 -19.16
N SER A 180 9.53 8.79 -19.42
CA SER A 180 10.37 8.31 -18.33
C SER A 180 11.58 9.14 -17.90
N GLY A 181 11.65 10.40 -18.32
CA GLY A 181 12.76 11.23 -17.88
C GLY A 181 14.03 11.17 -18.69
N VAL A 182 13.90 10.79 -19.95
CA VAL A 182 15.04 10.72 -20.87
C VAL A 182 14.51 10.85 -22.26
N SER A 183 15.04 11.82 -23.00
CA SER A 183 14.63 12.06 -24.36
C SER A 183 15.71 12.77 -25.17
N PHE A 184 15.54 12.80 -26.49
CA PHE A 184 16.48 13.43 -27.39
C PHE A 184 15.66 14.28 -28.31
N TRP A 185 16.19 15.43 -28.68
CA TRP A 185 15.47 16.33 -29.57
C TRP A 185 16.35 16.78 -30.70
N ASP A 186 15.89 16.58 -31.93
CA ASP A 186 16.65 16.98 -33.10
C ASP A 186 16.43 18.45 -33.42
N ALA A 187 17.36 19.03 -34.16
CA ALA A 187 17.31 20.44 -34.55
C ALA A 187 15.96 21.01 -35.00
N PRO A 188 15.30 20.40 -36.01
CA PRO A 188 14.01 20.92 -36.47
C PRO A 188 12.91 20.88 -35.43
N THR A 189 12.91 19.81 -34.62
CA THR A 189 11.91 19.70 -33.57
C THR A 189 12.22 20.70 -32.47
N ALA A 190 13.49 20.75 -32.05
CA ALA A 190 13.92 21.69 -31.01
C ALA A 190 13.48 23.11 -31.44
N GLU A 191 13.68 23.42 -32.72
CA GLU A 191 13.32 24.70 -33.28
C GLU A 191 11.84 25.05 -33.07
N LYS A 192 10.95 24.10 -33.36
CA LYS A 192 9.52 24.32 -33.18
C LYS A 192 9.20 24.48 -31.68
N ILE A 193 9.81 23.67 -30.84
CA ILE A 193 9.60 23.73 -29.39
C ILE A 193 10.03 25.10 -28.81
N VAL A 194 11.29 25.46 -29.04
CA VAL A 194 11.82 26.73 -28.55
C VAL A 194 10.90 27.89 -28.89
N SER A 195 10.15 27.73 -29.99
CA SER A 195 9.25 28.76 -30.44
C SER A 195 7.99 28.78 -29.56
N PHE A 196 7.74 27.67 -28.85
CA PHE A 196 6.58 27.59 -27.97
C PHE A 196 7.01 28.10 -26.61
N ILE A 197 8.26 27.81 -26.27
CA ILE A 197 8.84 28.24 -25.02
C ILE A 197 8.77 29.77 -24.98
N ASP A 198 9.34 30.41 -26.00
CA ASP A 198 9.32 31.86 -26.08
C ASP A 198 7.92 32.42 -25.85
N LYS A 199 6.96 31.98 -26.64
CA LYS A 199 5.59 32.45 -26.48
C LYS A 199 5.12 32.19 -25.06
N ALA A 200 5.39 30.98 -24.56
CA ALA A 200 4.99 30.58 -23.22
C ALA A 200 5.54 31.53 -22.17
N TYR A 201 6.85 31.74 -22.24
CA TYR A 201 7.54 32.64 -21.33
C TYR A 201 6.86 34.00 -21.35
N VAL A 202 6.87 34.66 -22.51
CA VAL A 202 6.24 35.97 -22.67
C VAL A 202 4.73 35.95 -22.40
N SER A 203 4.14 34.77 -22.32
CA SER A 203 2.70 34.67 -22.05
C SER A 203 2.46 35.18 -20.63
N GLY A 204 3.43 34.97 -19.75
CA GLY A 204 3.29 35.42 -18.37
C GLY A 204 2.86 34.36 -17.39
N GLU A 205 2.46 33.21 -17.90
CA GLU A 205 2.02 32.09 -17.08
C GLU A 205 2.80 30.85 -17.46
N PHE A 206 3.66 30.38 -16.56
CA PHE A 206 4.44 29.19 -16.85
C PHE A 206 5.05 28.67 -15.57
N VAL A 207 4.59 29.26 -14.47
CA VAL A 207 5.07 28.91 -13.14
C VAL A 207 5.02 27.43 -12.79
N ASP A 208 3.91 26.80 -13.14
CA ASP A 208 3.72 25.38 -12.83
C ASP A 208 3.99 24.44 -13.99
N LEU A 209 4.33 25.00 -15.14
CA LEU A 209 4.62 24.20 -16.31
C LEU A 209 5.95 23.45 -16.36
N TYR A 210 5.85 22.13 -16.57
CA TYR A 210 7.02 21.32 -16.79
C TYR A 210 7.48 21.71 -18.16
N TRP A 211 8.76 21.61 -18.46
CA TRP A 211 9.23 21.95 -19.78
C TRP A 211 8.51 21.01 -20.73
N ASP A 212 8.12 19.85 -20.21
CA ASP A 212 7.40 18.83 -20.99
C ASP A 212 6.04 19.30 -21.46
N ASN A 213 5.52 20.35 -20.85
CA ASN A 213 4.21 20.84 -21.25
C ASN A 213 4.29 21.38 -22.65
N MET A 214 5.48 21.84 -23.04
CA MET A 214 5.66 22.42 -24.36
C MET A 214 5.40 21.38 -25.45
N VAL A 215 5.79 20.13 -25.18
CA VAL A 215 5.59 19.05 -26.12
C VAL A 215 4.15 18.52 -26.05
N LYS A 216 3.76 18.05 -24.87
CA LYS A 216 2.42 17.52 -24.69
C LYS A 216 1.33 18.47 -25.17
N ASP A 217 1.52 19.78 -25.03
CA ASP A 217 0.45 20.68 -25.45
C ASP A 217 0.54 21.20 -26.89
N ASN A 218 1.47 20.65 -27.64
CA ASN A 218 1.65 21.01 -29.04
C ASN A 218 2.15 19.75 -29.77
N ILE A 219 1.83 18.59 -29.22
CA ILE A 219 2.26 17.32 -29.78
C ILE A 219 1.84 17.20 -31.24
N LYS A 220 0.75 17.87 -31.58
CA LYS A 220 0.22 17.85 -32.93
C LYS A 220 1.13 18.52 -33.97
N GLU A 221 1.85 19.56 -33.57
CA GLU A 221 2.74 20.26 -34.48
C GLU A 221 4.16 19.67 -34.46
N LEU A 222 4.37 18.58 -33.72
CA LEU A 222 5.71 17.98 -33.61
C LEU A 222 5.85 16.51 -33.96
N ASP A 223 7.02 16.16 -34.48
CA ASP A 223 7.29 14.79 -34.86
C ASP A 223 8.23 14.10 -33.87
N VAL A 224 7.63 13.35 -32.94
CA VAL A 224 8.34 12.63 -31.88
C VAL A 224 8.11 11.13 -31.97
N TYR A 225 9.16 10.36 -31.71
CA TYR A 225 9.12 8.91 -31.75
C TYR A 225 9.40 8.30 -30.41
N VAL A 226 8.95 7.07 -30.22
CA VAL A 226 9.14 6.35 -28.98
C VAL A 226 10.25 5.30 -29.16
N GLU A 227 10.94 5.00 -28.08
CA GLU A 227 11.98 4.01 -28.12
C GLU A 227 11.73 3.18 -26.86
N GLU A 228 10.84 2.20 -26.98
CA GLU A 228 10.48 1.32 -25.90
C GLU A 228 11.70 0.76 -25.19
N LEU A 229 11.68 0.86 -23.86
CA LEU A 229 12.76 0.35 -23.03
C LEU A 229 12.23 -0.93 -22.40
N GLU A 230 13.12 -1.87 -22.09
CA GLU A 230 12.70 -3.14 -21.52
C GLU A 230 13.51 -3.57 -20.33
N GLY A 231 12.87 -4.35 -19.46
CA GLY A 231 13.53 -4.84 -18.25
C GLY A 231 13.78 -3.73 -17.26
N ASN A 232 14.79 -3.93 -16.45
CA ASN A 232 15.17 -2.91 -15.47
C ASN A 232 16.02 -1.94 -16.28
N SER A 233 15.48 -0.76 -16.57
CA SER A 233 16.21 0.23 -17.37
C SER A 233 16.35 1.62 -16.72
N ILE A 234 15.20 2.29 -16.51
CA ILE A 234 15.14 3.61 -15.88
C ILE A 234 14.22 3.57 -14.66
N TYR A 235 14.82 3.64 -13.47
CA TYR A 235 14.06 3.61 -12.22
C TYR A 235 13.99 4.97 -11.55
N GLU A 236 12.76 5.45 -11.32
CA GLU A 236 12.54 6.73 -10.70
C GLU A 236 12.33 6.59 -9.21
N ILE A 237 12.93 7.51 -8.46
CA ILE A 237 12.82 7.54 -7.02
C ILE A 237 12.12 8.85 -6.68
N ASP A 238 10.80 8.82 -6.63
CA ASP A 238 10.07 10.03 -6.33
C ASP A 238 9.64 10.02 -4.89
N SER A 239 9.97 8.94 -4.18
CA SER A 239 9.62 8.83 -2.75
C SER A 239 10.58 7.92 -2.02
N VAL A 240 10.61 8.01 -0.68
CA VAL A 240 11.53 7.18 0.12
C VAL A 240 11.20 5.69 0.03
N GLN A 241 10.00 5.37 -0.45
CA GLN A 241 9.62 3.98 -0.60
C GLN A 241 10.36 3.45 -1.84
N ASP A 242 10.22 4.15 -2.97
CA ASP A 242 10.89 3.78 -4.21
C ASP A 242 12.37 3.59 -3.88
N TYR A 243 12.94 4.57 -3.21
CA TYR A 243 14.36 4.50 -2.84
C TYR A 243 14.59 3.23 -2.05
N ARG A 244 13.55 2.79 -1.34
CA ARG A 244 13.63 1.57 -0.54
C ARG A 244 13.54 0.39 -1.52
N LYS A 245 12.55 0.43 -2.41
CA LYS A 245 12.39 -0.60 -3.40
C LYS A 245 13.74 -0.71 -4.12
N LEU A 246 13.98 0.14 -5.11
CA LEU A 246 15.24 0.11 -5.86
C LEU A 246 16.39 -0.48 -5.04
N GLU A 247 16.35 -0.23 -3.74
CA GLU A 247 17.37 -0.77 -2.84
C GLU A 247 17.40 -2.28 -2.99
N GLU A 248 16.28 -2.91 -2.67
CA GLU A 248 16.08 -4.35 -2.74
C GLU A 248 16.32 -4.91 -4.15
N ILE A 249 15.77 -4.25 -5.16
CA ILE A 249 15.92 -4.69 -6.54
C ILE A 249 17.38 -4.95 -6.83
N LEU A 250 18.26 -4.09 -6.31
CA LEU A 250 19.69 -4.24 -6.51
C LEU A 250 20.25 -5.24 -5.52
N LYS A 251 19.40 -5.69 -4.59
CA LYS A 251 19.77 -6.65 -3.55
C LYS A 251 21.14 -7.27 -3.81
N ILE B 24 -0.98 18.33 34.46
CA ILE B 24 0.03 19.31 34.97
C ILE B 24 1.39 18.60 35.14
N ARG B 25 1.46 17.37 34.65
CA ARG B 25 2.68 16.57 34.70
C ARG B 25 3.35 16.64 33.31
N VAL B 26 4.66 16.86 33.29
CA VAL B 26 5.37 16.98 32.04
C VAL B 26 5.80 15.62 31.48
N LYS B 27 5.58 15.42 30.18
CA LYS B 27 5.97 14.18 29.53
C LYS B 27 6.85 14.49 28.36
N ALA B 28 7.50 13.47 27.83
CA ALA B 28 8.37 13.63 26.70
C ALA B 28 7.97 12.65 25.60
N ILE B 29 8.11 13.12 24.36
CA ILE B 29 7.84 12.38 23.13
C ILE B 29 9.15 12.37 22.30
N ILE B 30 9.76 11.20 22.14
CA ILE B 30 10.99 11.11 21.35
C ILE B 30 10.68 10.51 19.98
N LEU B 31 10.98 11.25 18.91
CA LEU B 31 10.77 10.79 17.52
C LEU B 31 11.92 9.91 17.10
N ALA B 32 11.69 8.61 16.95
CA ALA B 32 12.80 7.73 16.55
C ALA B 32 12.46 6.71 15.43
N ALA B 33 11.45 7.01 14.61
CA ALA B 33 11.03 6.10 13.54
C ALA B 33 11.79 6.05 12.21
N GLY B 34 12.37 7.17 11.78
CA GLY B 34 13.08 7.20 10.50
C GLY B 34 14.07 6.09 10.23
N LEU B 35 14.61 6.03 9.01
CA LEU B 35 15.58 4.98 8.61
C LEU B 35 17.04 5.36 8.78
N GLY B 36 17.32 6.64 8.95
CA GLY B 36 18.68 7.09 9.11
C GLY B 36 19.64 6.56 8.06
N THR B 37 19.20 6.60 6.80
CA THR B 37 20.03 6.11 5.69
C THR B 37 21.34 6.89 5.58
N ARG B 38 21.28 8.20 5.80
CA ARG B 38 22.48 9.03 5.71
C ARG B 38 23.55 8.60 6.70
N LEU B 39 23.24 7.65 7.56
CA LEU B 39 24.20 7.18 8.54
C LEU B 39 24.74 5.79 8.23
N ARG B 40 24.39 5.23 7.08
CA ARG B 40 24.93 3.91 6.77
C ARG B 40 26.45 4.09 6.66
N PRO B 41 27.22 3.02 6.88
CA PRO B 41 26.77 1.66 7.22
C PRO B 41 26.33 1.53 8.68
N LEU B 42 26.71 2.49 9.50
CA LEU B 42 26.39 2.51 10.92
C LEU B 42 24.95 2.14 11.29
N THR B 43 23.99 2.58 10.46
CA THR B 43 22.59 2.28 10.71
C THR B 43 22.05 1.16 9.81
N GLU B 44 22.87 0.18 9.43
CA GLU B 44 22.34 -0.87 8.56
C GLU B 44 21.48 -1.84 9.37
N ASN B 45 22.00 -2.27 10.51
CA ASN B 45 21.29 -3.19 11.39
C ASN B 45 21.07 -2.61 12.78
N THR B 46 20.96 -1.29 12.86
CA THR B 46 20.76 -0.57 14.12
C THR B 46 20.01 0.73 13.85
N PRO B 47 18.93 1.02 14.60
CA PRO B 47 18.23 2.27 14.33
C PRO B 47 19.11 3.41 14.82
N LYS B 48 18.93 4.61 14.27
CA LYS B 48 19.76 5.75 14.65
C LYS B 48 19.75 6.05 16.13
N ALA B 49 18.55 6.04 16.73
CA ALA B 49 18.42 6.30 18.15
C ALA B 49 19.22 5.34 19.01
N LEU B 50 19.47 4.13 18.43
CA LEU B 50 20.30 3.11 19.15
C LEU B 50 21.76 2.90 18.66
N VAL B 51 22.20 3.85 17.81
CA VAL B 51 23.64 3.96 17.52
C VAL B 51 24.24 4.51 18.84
N GLN B 52 25.39 3.94 19.25
CA GLN B 52 25.99 4.33 20.52
C GLN B 52 27.33 5.07 20.58
N VAL B 53 27.36 6.02 21.51
CA VAL B 53 28.51 6.85 21.78
C VAL B 53 29.00 6.50 23.18
N ASN B 54 30.26 6.10 23.29
CA ASN B 54 30.81 5.71 24.59
C ASN B 54 30.03 4.51 25.08
N GLN B 55 29.98 3.49 24.23
CA GLN B 55 29.27 2.27 24.51
C GLN B 55 27.91 2.51 25.16
N LYS B 56 27.20 3.54 24.70
CA LYS B 56 25.88 3.84 25.24
C LYS B 56 24.94 4.33 24.16
N PRO B 57 23.76 3.69 24.01
CA PRO B 57 22.79 4.10 23.01
C PRO B 57 22.34 5.54 23.17
N LEU B 58 22.29 6.28 22.08
CA LEU B 58 21.87 7.68 22.11
C LEU B 58 20.58 7.93 22.89
N ILE B 59 19.52 7.20 22.59
CA ILE B 59 18.24 7.41 23.28
C ILE B 59 18.33 7.17 24.80
N GLU B 60 19.34 6.43 25.27
CA GLU B 60 19.48 6.21 26.72
C GLU B 60 19.88 7.49 27.46
N TYR B 61 20.83 8.25 26.91
CA TYR B 61 21.25 9.51 27.52
C TYR B 61 20.04 10.43 27.72
N GLN B 62 19.19 10.54 26.71
CA GLN B 62 18.04 11.43 26.82
C GLN B 62 16.95 10.90 27.72
N ILE B 63 16.89 9.59 27.85
CA ILE B 63 15.86 9.00 28.68
C ILE B 63 16.27 9.19 30.13
N GLU B 64 17.55 8.97 30.41
CA GLU B 64 18.07 9.13 31.76
C GLU B 64 18.10 10.59 32.22
N PHE B 65 18.43 11.53 31.35
CA PHE B 65 18.42 12.93 31.75
C PHE B 65 16.98 13.30 32.03
N LEU B 66 16.08 12.80 31.19
CA LEU B 66 14.66 13.12 31.32
C LEU B 66 14.08 12.56 32.61
N LYS B 67 14.57 11.41 33.05
CA LYS B 67 14.05 10.81 34.27
C LYS B 67 14.62 11.56 35.48
N GLU B 68 15.94 11.72 35.50
CA GLU B 68 16.62 12.41 36.58
C GLU B 68 16.01 13.78 36.86
N LYS B 69 15.26 14.30 35.91
CA LYS B 69 14.64 15.60 36.10
C LYS B 69 13.17 15.41 36.40
N GLY B 70 12.79 14.16 36.67
CA GLY B 70 11.41 13.85 37.03
C GLY B 70 10.38 13.64 35.92
N ILE B 71 10.85 13.48 34.69
CA ILE B 71 9.96 13.26 33.56
C ILE B 71 10.03 11.76 33.30
N ASN B 72 8.96 11.04 33.63
CA ASN B 72 8.95 9.59 33.43
C ASN B 72 7.91 9.14 32.40
N ASP B 73 6.99 10.05 32.09
CA ASP B 73 5.93 9.86 31.10
C ASP B 73 6.60 10.00 29.72
N ILE B 74 7.37 9.01 29.32
CA ILE B 74 8.09 9.07 28.07
C ILE B 74 7.53 8.14 27.02
N ILE B 75 7.10 8.73 25.91
CA ILE B 75 6.56 7.99 24.76
C ILE B 75 7.55 8.02 23.59
N ILE B 76 8.09 6.85 23.23
CA ILE B 76 9.02 6.73 22.11
C ILE B 76 8.34 6.23 20.81
N ILE B 77 8.43 7.00 19.71
CA ILE B 77 7.82 6.58 18.43
C ILE B 77 8.85 5.77 17.65
N VAL B 78 8.49 4.52 17.36
CA VAL B 78 9.40 3.62 16.65
C VAL B 78 8.90 3.16 15.27
N GLY B 79 9.79 2.49 14.56
CA GLY B 79 9.49 1.99 13.23
C GLY B 79 10.67 1.15 12.79
N TYR B 80 11.47 1.70 11.90
CA TYR B 80 12.62 0.98 11.42
C TYR B 80 13.35 0.20 12.55
N LEU B 81 13.37 -1.13 12.46
CA LEU B 81 14.03 -2.00 13.44
C LEU B 81 13.46 -1.88 14.86
N LYS B 82 12.18 -1.55 14.95
CA LYS B 82 11.49 -1.38 16.23
C LYS B 82 11.72 -2.42 17.32
N GLU B 83 12.00 -3.66 16.92
CA GLU B 83 12.20 -4.69 17.93
C GLU B 83 13.39 -4.37 18.83
N GLN B 84 14.36 -3.62 18.34
CA GLN B 84 15.56 -3.31 19.13
C GLN B 84 15.34 -2.30 20.28
N PHE B 85 14.11 -1.85 20.43
CA PHE B 85 13.70 -0.89 21.44
C PHE B 85 12.93 -1.55 22.57
N ASP B 86 12.33 -2.71 22.31
CA ASP B 86 11.52 -3.42 23.28
C ASP B 86 12.10 -3.47 24.69
N TYR B 87 13.41 -3.59 24.79
CA TYR B 87 14.09 -3.65 26.09
C TYR B 87 13.97 -2.38 26.96
N LEU B 88 13.71 -1.24 26.34
CA LEU B 88 13.59 -0.02 27.08
C LEU B 88 12.34 0.00 27.94
N LYS B 89 11.35 -0.78 27.57
CA LYS B 89 10.10 -0.83 28.31
C LYS B 89 10.38 -1.37 29.70
N GLU B 90 11.08 -2.49 29.75
CA GLU B 90 11.45 -3.12 31.02
C GLU B 90 12.42 -2.23 31.80
N LYS B 91 13.45 -1.77 31.12
CA LYS B 91 14.53 -0.95 31.68
C LYS B 91 14.19 0.45 32.23
N TYR B 92 13.39 1.23 31.51
CA TYR B 92 13.07 2.59 31.94
C TYR B 92 11.56 2.77 32.02
N GLY B 93 10.83 1.74 31.66
CA GLY B 93 9.39 1.87 31.69
C GLY B 93 8.92 2.95 30.75
N VAL B 94 9.41 2.92 29.51
CA VAL B 94 8.98 3.91 28.49
C VAL B 94 7.83 3.27 27.71
N ARG B 95 6.94 4.09 27.16
CA ARG B 95 5.86 3.55 26.36
C ARG B 95 6.27 3.68 24.88
N LEU B 96 6.39 2.56 24.16
CA LEU B 96 6.75 2.59 22.75
C LEU B 96 5.47 2.77 21.90
N VAL B 97 5.61 3.33 20.69
CA VAL B 97 4.48 3.52 19.77
C VAL B 97 4.94 3.28 18.32
N PHE B 98 4.23 2.38 17.63
CA PHE B 98 4.55 1.99 16.25
C PHE B 98 3.94 2.79 15.11
N ASN B 99 4.81 3.44 14.35
CA ASN B 99 4.40 4.21 13.19
C ASN B 99 4.69 3.26 12.02
N ASP B 100 3.63 2.69 11.45
CA ASP B 100 3.79 1.73 10.35
C ASP B 100 4.24 2.40 9.05
N LYS B 101 3.87 3.67 8.89
CA LYS B 101 4.26 4.49 7.72
C LYS B 101 5.57 5.20 7.98
N TYR B 102 6.52 4.53 8.62
CA TYR B 102 7.77 5.18 8.94
C TYR B 102 8.66 5.44 7.75
N ALA B 103 8.48 4.66 6.69
CA ALA B 103 9.29 4.83 5.48
C ALA B 103 8.43 5.44 4.41
N ASP B 104 7.13 5.50 4.67
CA ASP B 104 6.19 6.08 3.73
C ASP B 104 6.17 7.59 3.86
N TYR B 105 6.05 8.08 5.09
CA TYR B 105 6.01 9.53 5.33
C TYR B 105 7.17 10.05 6.17
N ASN B 106 7.16 11.37 6.39
CA ASN B 106 8.16 12.05 7.19
C ASN B 106 7.62 12.06 8.62
N ASN B 107 8.41 12.49 9.59
CA ASN B 107 7.94 12.46 10.96
C ASN B 107 6.70 13.27 11.34
N PHE B 108 6.05 13.90 10.37
CA PHE B 108 4.85 14.66 10.71
C PHE B 108 3.90 13.63 11.29
N TYR B 109 3.74 12.54 10.55
CA TYR B 109 2.86 11.45 10.91
C TYR B 109 3.19 10.79 12.25
N SER B 110 4.48 10.62 12.54
CA SER B 110 4.90 10.03 13.79
C SER B 110 4.30 10.86 14.92
N LEU B 111 4.34 12.18 14.79
CA LEU B 111 3.79 13.00 15.84
C LEU B 111 2.28 12.93 15.81
N TYR B 112 1.73 12.73 14.61
CA TYR B 112 0.28 12.65 14.45
C TYR B 112 -0.33 11.50 15.33
N LEU B 113 0.37 10.37 15.40
CA LEU B 113 -0.06 9.21 16.18
C LEU B 113 -0.33 9.54 17.64
N VAL B 114 0.47 10.44 18.21
CA VAL B 114 0.30 10.83 19.61
C VAL B 114 -0.06 12.32 19.73
N LYS B 115 -0.60 12.90 18.67
CA LYS B 115 -0.97 14.32 18.66
C LYS B 115 -1.79 14.75 19.86
N GLU B 116 -2.19 13.79 20.66
CA GLU B 116 -2.99 14.13 21.82
C GLU B 116 -2.13 14.36 23.07
N GLU B 117 -0.94 13.76 23.11
CA GLU B 117 -0.04 13.93 24.25
C GLU B 117 0.93 15.09 24.11
N LEU B 118 0.68 15.98 23.14
CA LEU B 118 1.59 17.11 22.92
C LEU B 118 1.65 18.15 24.05
N ALA B 119 0.49 18.67 24.46
CA ALA B 119 0.39 19.67 25.52
C ALA B 119 1.33 19.35 26.67
N ASN B 120 2.01 20.37 27.17
CA ASN B 120 2.96 20.23 28.26
C ASN B 120 3.82 18.98 28.11
N SER B 121 4.57 18.94 27.02
CA SER B 121 5.46 17.82 26.73
C SER B 121 6.62 18.28 25.89
N TYR B 122 7.73 17.59 26.06
CA TYR B 122 8.93 17.86 25.29
C TYR B 122 8.81 17.01 24.03
N VAL B 123 9.31 17.51 22.90
CA VAL B 123 9.33 16.76 21.65
C VAL B 123 10.82 16.65 21.32
N ILE B 124 11.35 15.43 21.24
CA ILE B 124 12.78 15.23 20.98
C ILE B 124 13.17 14.39 19.73
N ASP B 125 14.17 14.86 18.98
CA ASP B 125 14.65 14.12 17.82
C ASP B 125 15.69 13.19 18.38
N ALA B 126 15.37 11.91 18.50
CA ALA B 126 16.29 10.92 19.06
C ALA B 126 17.72 10.83 18.49
N ASP B 127 17.99 11.44 17.34
CA ASP B 127 19.35 11.37 16.78
C ASP B 127 20.32 12.46 17.24
N ASN B 128 20.22 12.85 18.51
CA ASN B 128 21.05 13.90 19.09
C ASN B 128 21.75 13.50 20.38
N TYR B 129 23.04 13.80 20.47
CA TYR B 129 23.82 13.50 21.67
C TYR B 129 23.76 14.70 22.60
N LEU B 130 23.29 14.48 23.83
CA LEU B 130 23.18 15.56 24.81
C LEU B 130 24.42 15.58 25.70
N PHE B 131 25.16 16.68 25.68
CA PHE B 131 26.36 16.79 26.51
C PHE B 131 25.93 17.11 27.93
N LYS B 132 24.83 17.83 28.05
CA LYS B 132 24.30 18.19 29.36
C LYS B 132 22.79 18.15 29.37
N ASN B 133 22.24 17.96 30.56
CA ASN B 133 20.81 17.85 30.78
C ASN B 133 20.02 19.17 30.88
N MET B 134 19.66 19.73 29.73
CA MET B 134 18.91 20.98 29.72
C MET B 134 17.41 20.81 29.94
N PHE B 135 17.00 19.67 30.47
CA PHE B 135 15.58 19.43 30.68
C PHE B 135 15.07 20.00 31.99
N ARG B 136 13.87 20.55 32.00
CA ARG B 136 13.24 21.10 33.20
C ARG B 136 11.74 20.81 33.16
N ASN B 137 11.19 20.38 34.29
CA ASN B 137 9.77 20.09 34.36
C ASN B 137 9.03 21.32 34.86
N ASP B 138 9.76 22.42 34.98
CA ASP B 138 9.20 23.66 35.46
C ASP B 138 8.80 24.57 34.30
N LEU B 139 9.17 24.19 33.08
CA LEU B 139 8.88 25.00 31.91
C LEU B 139 7.43 25.45 31.95
N THR B 140 7.21 26.71 31.59
CA THR B 140 5.87 27.25 31.61
C THR B 140 5.37 27.74 30.25
N ARG B 141 6.26 27.83 29.27
CA ARG B 141 5.86 28.28 27.93
C ARG B 141 6.57 27.52 26.83
N SER B 142 5.96 27.52 25.65
CA SER B 142 6.52 26.84 24.50
C SER B 142 7.95 27.34 24.31
N THR B 143 8.89 26.40 24.22
CA THR B 143 10.29 26.71 24.09
C THR B 143 11.01 25.92 23.02
N TYR B 144 12.11 26.51 22.53
CA TYR B 144 12.96 25.89 21.53
C TYR B 144 14.36 25.99 22.15
N PHE B 145 14.99 24.87 22.43
CA PHE B 145 16.31 24.93 22.99
C PHE B 145 17.28 25.00 21.81
N SER B 146 17.54 26.24 21.41
CA SER B 146 18.41 26.57 20.29
C SER B 146 19.91 26.62 20.55
N VAL B 147 20.70 26.16 19.57
CA VAL B 147 22.16 26.23 19.66
C VAL B 147 22.54 27.18 18.54
N TYR B 148 23.72 27.77 18.66
CA TYR B 148 24.23 28.71 17.68
C TYR B 148 25.28 28.01 16.81
N ARG B 149 25.07 28.06 15.52
CA ARG B 149 26.01 27.42 14.62
C ARG B 149 26.76 28.56 14.03
N GLU B 150 28.04 28.63 14.35
CA GLU B 150 28.93 29.69 13.85
C GLU B 150 29.23 29.42 12.39
N ASP B 151 29.25 28.15 12.03
CA ASP B 151 29.54 27.78 10.67
C ASP B 151 28.41 28.20 9.75
N CYS B 152 28.12 27.35 8.78
CA CYS B 152 27.06 27.69 7.86
C CYS B 152 26.61 26.45 7.11
N THR B 153 25.47 25.92 7.52
CA THR B 153 24.88 24.75 6.89
C THR B 153 23.42 25.13 6.62
N ASN B 154 22.67 24.23 5.97
CA ASN B 154 21.28 24.51 5.69
C ASN B 154 20.50 23.94 6.85
N GLU B 155 19.75 24.79 7.53
CA GLU B 155 18.96 24.36 8.65
C GLU B 155 17.78 25.27 8.78
N TRP B 156 17.05 25.11 9.87
CA TRP B 156 15.90 25.96 10.11
C TRP B 156 16.39 26.93 11.16
N PHE B 157 16.27 28.23 10.88
CA PHE B 157 16.76 29.26 11.79
C PHE B 157 15.68 30.02 12.53
N LEU B 158 15.94 30.28 13.80
CA LEU B 158 15.02 31.00 14.64
C LEU B 158 15.32 32.49 14.55
N VAL B 159 14.29 33.27 14.23
CA VAL B 159 14.39 34.72 14.11
C VAL B 159 13.67 35.28 15.32
N TYR B 160 14.42 35.65 16.35
CA TYR B 160 13.79 36.19 17.55
C TYR B 160 14.38 37.50 18.04
N GLY B 161 13.53 38.26 18.74
CA GLY B 161 13.95 39.54 19.29
C GLY B 161 14.64 39.40 20.64
N ASP B 162 14.68 40.48 21.39
CA ASP B 162 15.34 40.49 22.70
C ASP B 162 14.43 39.87 23.75
N ASP B 163 13.16 39.72 23.41
CA ASP B 163 12.19 39.13 24.30
C ASP B 163 12.22 37.62 24.15
N TYR B 164 13.05 37.16 23.20
CA TYR B 164 13.23 35.75 22.93
C TYR B 164 12.00 35.09 22.32
N LYS B 165 10.97 35.89 22.06
CA LYS B 165 9.76 35.36 21.46
C LYS B 165 10.09 35.15 19.99
N VAL B 166 9.78 33.95 19.49
CA VAL B 166 10.09 33.63 18.10
C VAL B 166 9.18 34.38 17.12
N GLN B 167 9.82 35.20 16.29
CA GLN B 167 9.13 35.99 15.30
C GLN B 167 9.01 35.20 14.01
N ASP B 168 10.02 34.38 13.72
CA ASP B 168 10.03 33.60 12.49
C ASP B 168 11.01 32.41 12.45
N ILE B 169 10.67 31.42 11.63
CA ILE B 169 11.53 30.26 11.44
C ILE B 169 11.77 30.25 9.94
N ILE B 170 13.03 30.12 9.54
CA ILE B 170 13.37 30.16 8.11
C ILE B 170 14.42 29.12 7.74
N VAL B 171 14.13 28.35 6.68
CA VAL B 171 15.10 27.35 6.24
C VAL B 171 16.15 28.12 5.47
N ASP B 172 17.40 27.78 5.71
CA ASP B 172 18.43 28.53 5.05
C ASP B 172 19.78 27.90 5.25
N SER B 173 20.75 28.44 4.54
CA SER B 173 22.09 27.96 4.63
C SER B 173 22.95 29.12 5.17
N LYS B 174 23.23 29.11 6.48
CA LYS B 174 24.04 30.17 7.10
C LYS B 174 24.46 29.85 8.54
N ALA B 175 24.68 30.90 9.33
CA ALA B 175 25.09 30.76 10.73
C ALA B 175 24.00 31.37 11.59
N GLY B 176 23.85 30.88 12.82
CA GLY B 176 22.82 31.41 13.70
C GLY B 176 22.21 30.43 14.67
N ARG B 177 21.03 30.77 15.18
CA ARG B 177 20.34 29.91 16.13
C ARG B 177 19.35 29.03 15.40
N ILE B 178 19.47 27.74 15.59
CA ILE B 178 18.59 26.84 14.87
C ILE B 178 17.65 26.01 15.74
N LEU B 179 16.71 25.33 15.06
CA LEU B 179 15.82 24.34 15.68
C LEU B 179 16.82 23.20 15.91
N SER B 180 17.03 22.82 17.20
CA SER B 180 18.08 21.84 17.45
C SER B 180 17.71 20.43 17.83
N GLY B 181 16.40 20.17 17.89
CA GLY B 181 16.00 18.83 18.19
C GLY B 181 15.42 18.65 19.56
N VAL B 182 15.21 19.73 20.30
CA VAL B 182 14.61 19.64 21.63
C VAL B 182 13.67 20.82 21.79
N SER B 183 12.49 20.57 22.29
CA SER B 183 11.54 21.66 22.49
C SER B 183 10.46 21.24 23.47
N PHE B 184 9.69 22.20 23.95
CA PHE B 184 8.63 21.94 24.91
C PHE B 184 7.45 22.75 24.45
N TRP B 185 6.26 22.15 24.51
CA TRP B 185 5.05 22.81 24.07
C TRP B 185 4.04 22.84 25.21
N ASP B 186 3.33 23.94 25.38
CA ASP B 186 2.35 24.05 26.46
C ASP B 186 0.94 23.74 25.97
N ALA B 187 0.01 23.55 26.91
CA ALA B 187 -1.37 23.21 26.58
C ALA B 187 -2.01 24.12 25.53
N PRO B 188 -2.02 25.44 25.77
CA PRO B 188 -2.63 26.32 24.77
C PRO B 188 -1.97 26.32 23.40
N THR B 189 -0.65 26.35 23.36
CA THR B 189 0.03 26.36 22.08
C THR B 189 -0.19 25.01 21.41
N ALA B 190 -0.02 23.94 22.18
CA ALA B 190 -0.20 22.60 21.66
C ALA B 190 -1.61 22.44 21.16
N GLU B 191 -2.53 23.18 21.76
CA GLU B 191 -3.92 23.11 21.34
C GLU B 191 -4.07 23.74 19.96
N LYS B 192 -3.31 24.81 19.73
CA LYS B 192 -3.32 25.52 18.46
C LYS B 192 -2.60 24.69 17.41
N ILE B 193 -1.54 24.00 17.83
CA ILE B 193 -0.76 23.18 16.92
C ILE B 193 -1.50 21.94 16.47
N VAL B 194 -2.28 21.35 17.37
CA VAL B 194 -3.01 20.14 17.05
C VAL B 194 -4.12 20.40 16.02
N SER B 195 -4.63 21.62 16.01
CA SER B 195 -5.68 21.99 15.07
C SER B 195 -5.13 22.15 13.67
N PHE B 196 -3.82 22.40 13.56
CA PHE B 196 -3.19 22.54 12.26
C PHE B 196 -2.89 21.15 11.80
N ILE B 197 -2.44 20.32 12.75
CA ILE B 197 -2.12 18.94 12.47
C ILE B 197 -3.32 18.25 11.85
N ASP B 198 -4.51 18.54 12.38
CA ASP B 198 -5.74 17.93 11.87
C ASP B 198 -6.03 18.36 10.44
N LYS B 199 -6.13 19.66 10.20
CA LYS B 199 -6.39 20.17 8.85
C LYS B 199 -5.33 19.61 7.90
N ALA B 200 -4.07 19.66 8.33
CA ALA B 200 -2.95 19.15 7.51
C ALA B 200 -3.21 17.72 7.06
N TYR B 201 -3.48 16.84 8.02
CA TYR B 201 -3.75 15.42 7.74
C TYR B 201 -4.95 15.24 6.80
N VAL B 202 -6.08 15.86 7.16
CA VAL B 202 -7.26 15.75 6.32
C VAL B 202 -7.05 16.44 4.98
N SER B 203 -6.02 17.26 4.88
CA SER B 203 -5.72 17.97 3.64
C SER B 203 -5.36 16.97 2.57
N GLY B 204 -4.68 15.91 2.98
CA GLY B 204 -4.24 14.89 2.05
C GLY B 204 -2.76 15.02 1.76
N GLU B 205 -2.18 16.17 2.11
CA GLU B 205 -0.77 16.40 1.85
C GLU B 205 0.07 16.71 3.09
N PHE B 206 0.84 15.72 3.53
CA PHE B 206 1.69 15.84 4.70
C PHE B 206 2.74 14.74 4.55
N VAL B 207 2.54 13.92 3.54
CA VAL B 207 3.43 12.81 3.23
C VAL B 207 4.88 13.18 3.48
N ASP B 208 5.20 14.41 3.16
CA ASP B 208 6.55 14.95 3.26
C ASP B 208 6.82 15.95 4.39
N LEU B 209 5.78 16.35 5.11
CA LEU B 209 5.97 17.32 6.19
C LEU B 209 6.63 16.81 7.47
N TYR B 210 7.59 17.58 7.99
CA TYR B 210 8.20 17.26 9.26
C TYR B 210 7.14 17.72 10.24
N TRP B 211 7.04 17.15 11.42
CA TRP B 211 6.01 17.66 12.33
C TRP B 211 6.23 19.17 12.55
N ASP B 212 7.49 19.60 12.48
CA ASP B 212 7.86 20.99 12.67
C ASP B 212 7.28 21.97 11.65
N ASN B 213 6.85 21.45 10.51
CA ASN B 213 6.28 22.31 9.49
C ASN B 213 5.05 22.97 10.04
N MET B 214 4.44 22.33 11.02
CA MET B 214 3.23 22.83 11.66
C MET B 214 3.51 24.16 12.38
N VAL B 215 4.68 24.23 12.99
CA VAL B 215 5.11 25.40 13.71
C VAL B 215 5.65 26.44 12.71
N LYS B 216 6.60 26.04 11.87
CA LYS B 216 7.19 26.98 10.91
C LYS B 216 6.26 27.71 9.95
N ASP B 217 5.23 27.02 9.48
CA ASP B 217 4.32 27.62 8.53
C ASP B 217 3.10 28.20 9.21
N ASN B 218 3.21 28.45 10.51
CA ASN B 218 2.10 29.00 11.28
C ASN B 218 2.63 29.81 12.45
N ILE B 219 3.95 29.97 12.48
CA ILE B 219 4.63 30.69 13.55
C ILE B 219 3.97 32.00 13.94
N LYS B 220 3.20 32.58 13.03
CA LYS B 220 2.50 33.84 13.29
C LYS B 220 1.39 33.67 14.30
N GLU B 221 0.75 32.50 14.32
CA GLU B 221 -0.37 32.26 15.22
C GLU B 221 0.04 31.74 16.58
N LEU B 222 1.32 31.42 16.73
CA LEU B 222 1.82 30.85 17.98
C LEU B 222 2.83 31.69 18.76
N ASP B 223 2.86 31.44 20.06
CA ASP B 223 3.80 32.12 20.94
C ASP B 223 4.81 31.07 21.39
N VAL B 224 6.02 31.14 20.83
CA VAL B 224 7.07 30.20 21.16
C VAL B 224 8.32 30.98 21.53
N TYR B 225 9.10 30.47 22.48
CA TYR B 225 10.29 31.18 22.92
C TYR B 225 11.57 30.41 22.71
N VAL B 226 12.69 31.11 22.77
CA VAL B 226 13.99 30.50 22.58
C VAL B 226 14.77 30.39 23.88
N GLU B 227 15.54 29.33 24.00
CA GLU B 227 16.32 29.11 25.20
C GLU B 227 17.72 28.82 24.70
N GLU B 228 18.49 29.89 24.55
CA GLU B 228 19.84 29.81 24.03
C GLU B 228 20.75 28.88 24.82
N LEU B 229 21.19 27.81 24.19
CA LEU B 229 22.07 26.88 24.85
C LEU B 229 23.46 27.36 24.52
N GLU B 230 24.44 26.94 25.29
CA GLU B 230 25.81 27.36 25.07
C GLU B 230 26.83 26.25 25.24
N GLY B 231 28.01 26.43 24.66
CA GLY B 231 29.03 25.40 24.74
C GLY B 231 28.52 24.08 24.17
N ASN B 232 29.12 22.98 24.60
CA ASN B 232 28.72 21.66 24.15
C ASN B 232 27.42 21.25 24.84
N SER B 233 26.33 21.25 24.09
CA SER B 233 25.05 20.90 24.68
C SER B 233 24.30 19.80 23.91
N ILE B 234 23.97 20.07 22.65
CA ILE B 234 23.26 19.13 21.78
C ILE B 234 24.01 18.91 20.47
N TYR B 235 24.60 17.74 20.28
CA TYR B 235 25.28 17.50 19.03
C TYR B 235 24.48 16.51 18.19
N GLU B 236 24.18 16.89 16.95
CA GLU B 236 23.39 16.04 16.04
C GLU B 236 24.19 15.14 15.13
N ILE B 237 23.72 13.91 14.97
CA ILE B 237 24.42 12.99 14.09
C ILE B 237 23.51 12.56 12.94
N ASP B 238 23.68 13.25 11.81
CA ASP B 238 22.92 12.98 10.61
C ASP B 238 23.77 12.20 9.62
N SER B 239 25.09 12.19 9.83
CA SER B 239 25.96 11.48 8.91
C SER B 239 27.17 10.88 9.59
N VAL B 240 27.86 9.98 8.88
CA VAL B 240 29.05 9.35 9.43
C VAL B 240 30.17 10.35 9.67
N GLN B 241 29.99 11.58 9.18
CA GLN B 241 31.02 12.60 9.39
C GLN B 241 30.85 13.22 10.78
N ASP B 242 29.62 13.55 11.12
CA ASP B 242 29.27 14.12 12.44
C ASP B 242 29.67 13.14 13.51
N TYR B 243 29.27 11.89 13.32
CA TYR B 243 29.61 10.88 14.28
C TYR B 243 31.11 10.86 14.43
N ARG B 244 31.84 11.00 13.31
CA ARG B 244 33.30 10.99 13.38
C ARG B 244 33.83 12.20 14.16
N LYS B 245 33.12 13.33 14.06
CA LYS B 245 33.53 14.53 14.80
C LYS B 245 33.27 14.28 16.28
N LEU B 246 32.00 14.41 16.68
CA LEU B 246 31.61 14.17 18.05
C LEU B 246 32.57 13.16 18.72
N GLU B 247 32.97 12.15 17.95
CA GLU B 247 33.90 11.14 18.45
C GLU B 247 35.07 11.85 19.11
N GLU B 248 35.76 12.66 18.32
CA GLU B 248 36.93 13.39 18.76
C GLU B 248 36.69 14.47 19.81
N ILE B 249 35.60 15.21 19.68
CA ILE B 249 35.30 16.28 20.64
C ILE B 249 35.31 15.66 22.02
N LEU B 250 34.86 14.42 22.10
CA LEU B 250 34.82 13.70 23.35
C LEU B 250 36.20 13.14 23.64
N LYS B 251 37.06 13.10 22.62
CA LYS B 251 38.42 12.55 22.70
C LYS B 251 38.85 12.04 24.09
N ILE C 24 -6.21 5.20 30.27
CA ILE C 24 -7.47 4.85 30.98
C ILE C 24 -8.65 4.94 30.00
N ARG C 25 -8.34 5.16 28.73
CA ARG C 25 -9.37 5.24 27.70
C ARG C 25 -9.43 3.91 26.95
N VAL C 26 -10.64 3.42 26.73
CA VAL C 26 -10.82 2.16 26.04
C VAL C 26 -10.72 2.29 24.52
N LYS C 27 -9.91 1.45 23.92
CA LYS C 27 -9.73 1.46 22.47
C LYS C 27 -10.06 0.09 21.89
N ALA C 28 -10.27 0.05 20.58
CA ALA C 28 -10.60 -1.20 19.89
C ALA C 28 -9.62 -1.56 18.78
N ILE C 29 -9.23 -2.83 18.73
CA ILE C 29 -8.34 -3.33 17.68
C ILE C 29 -9.11 -4.37 16.90
N ILE C 30 -9.32 -4.12 15.61
CA ILE C 30 -10.04 -5.04 14.76
C ILE C 30 -9.14 -5.77 13.76
N LEU C 31 -9.07 -7.09 13.84
CA LEU C 31 -8.26 -7.88 12.90
C LEU C 31 -9.12 -8.14 11.65
N ALA C 32 -8.62 -7.72 10.50
CA ALA C 32 -9.37 -7.87 9.26
C ALA C 32 -8.49 -7.99 8.03
N ALA C 33 -7.29 -8.53 8.18
CA ALA C 33 -6.39 -8.63 7.04
C ALA C 33 -6.39 -9.97 6.27
N GLY C 34 -7.13 -10.96 6.76
CA GLY C 34 -7.15 -12.27 6.12
C GLY C 34 -7.71 -12.40 4.71
N LEU C 35 -7.33 -13.47 4.02
CA LEU C 35 -7.82 -13.69 2.66
C LEU C 35 -9.30 -14.05 2.60
N GLY C 36 -9.83 -14.67 3.66
CA GLY C 36 -11.24 -15.05 3.67
C GLY C 36 -11.58 -16.03 2.56
N THR C 37 -10.63 -16.91 2.24
CA THR C 37 -10.80 -17.87 1.18
C THR C 37 -11.99 -18.81 1.35
N ARG C 38 -12.32 -19.13 2.58
CA ARG C 38 -13.45 -20.02 2.78
C ARG C 38 -14.77 -19.38 2.44
N LEU C 39 -14.73 -18.11 2.01
CA LEU C 39 -15.95 -17.40 1.62
C LEU C 39 -16.07 -17.13 0.10
N ARG C 40 -15.11 -17.63 -0.69
N ARG C 40 -15.11 -17.65 -0.68
CA ARG C 40 -15.17 -17.44 -2.14
CA ARG C 40 -15.13 -17.47 -2.14
C ARG C 40 -16.37 -18.19 -2.70
C ARG C 40 -16.36 -18.20 -2.70
N PRO C 41 -16.95 -17.70 -3.81
CA PRO C 41 -16.57 -16.50 -4.57
C PRO C 41 -16.95 -15.16 -3.97
N LEU C 42 -17.79 -15.16 -2.93
CA LEU C 42 -18.20 -13.90 -2.31
C LEU C 42 -17.04 -12.92 -1.96
N THR C 43 -15.86 -13.47 -1.66
CA THR C 43 -14.70 -12.68 -1.25
C THR C 43 -13.57 -12.62 -2.26
N GLU C 44 -13.91 -12.58 -3.54
CA GLU C 44 -12.87 -12.54 -4.55
C GLU C 44 -12.39 -11.10 -4.74
N ASN C 45 -13.32 -10.17 -4.74
CA ASN C 45 -13.02 -8.76 -4.90
C ASN C 45 -13.68 -7.94 -3.78
N THR C 46 -13.64 -8.50 -2.59
CA THR C 46 -14.21 -7.83 -1.43
C THR C 46 -13.69 -8.52 -0.21
N PRO C 47 -13.12 -7.75 0.73
CA PRO C 47 -12.59 -8.36 1.96
C PRO C 47 -13.76 -8.90 2.75
N LYS C 48 -13.55 -10.02 3.45
CA LYS C 48 -14.64 -10.62 4.23
C LYS C 48 -15.22 -9.60 5.21
N ALA C 49 -14.34 -8.76 5.74
CA ALA C 49 -14.71 -7.72 6.69
C ALA C 49 -15.69 -6.75 6.10
N LEU C 50 -15.60 -6.58 4.78
CA LEU C 50 -16.46 -5.65 4.09
C LEU C 50 -17.64 -6.31 3.38
N VAL C 51 -17.77 -7.62 3.51
CA VAL C 51 -18.91 -8.34 2.93
C VAL C 51 -20.13 -7.74 3.62
N GLN C 52 -21.25 -7.58 2.93
CA GLN C 52 -22.37 -6.97 3.61
C GLN C 52 -23.64 -7.78 3.82
N VAL C 53 -24.21 -7.61 5.00
CA VAL C 53 -25.46 -8.26 5.38
C VAL C 53 -26.44 -7.10 5.60
N ASN C 54 -27.57 -7.12 4.90
CA ASN C 54 -28.57 -6.04 5.00
C ASN C 54 -28.00 -4.74 4.48
N GLN C 55 -27.45 -4.79 3.27
CA GLN C 55 -26.82 -3.64 2.65
C GLN C 55 -25.94 -2.86 3.61
N LYS C 56 -25.07 -3.57 4.33
CA LYS C 56 -24.18 -2.91 5.28
C LYS C 56 -22.98 -3.77 5.59
N PRO C 57 -21.78 -3.25 5.35
CA PRO C 57 -20.54 -3.99 5.61
C PRO C 57 -20.45 -4.51 7.05
N LEU C 58 -19.90 -5.70 7.21
CA LEU C 58 -19.76 -6.31 8.51
C LEU C 58 -19.12 -5.32 9.46
N ILE C 59 -17.89 -4.92 9.11
CA ILE C 59 -17.08 -4.00 9.92
C ILE C 59 -17.80 -2.73 10.38
N GLU C 60 -18.81 -2.31 9.65
CA GLU C 60 -19.54 -1.10 10.01
C GLU C 60 -20.43 -1.31 11.24
N TYR C 61 -20.99 -2.50 11.39
CA TYR C 61 -21.85 -2.80 12.53
C TYR C 61 -21.03 -2.71 13.80
N GLN C 62 -19.83 -3.29 13.77
CA GLN C 62 -18.93 -3.29 14.91
C GLN C 62 -18.37 -1.90 15.27
N ILE C 63 -18.02 -1.11 14.27
CA ILE C 63 -17.47 0.22 14.48
C ILE C 63 -18.52 1.14 15.06
N GLU C 64 -19.70 1.11 14.45
CA GLU C 64 -20.81 1.92 14.90
C GLU C 64 -21.28 1.51 16.30
N PHE C 65 -21.06 0.23 16.64
CA PHE C 65 -21.43 -0.30 17.94
C PHE C 65 -20.40 0.17 18.96
N LEU C 66 -19.14 0.13 18.55
CA LEU C 66 -18.05 0.56 19.40
C LEU C 66 -18.20 2.04 19.70
N LYS C 67 -18.40 2.84 18.65
CA LYS C 67 -18.56 4.29 18.80
C LYS C 67 -19.71 4.65 19.73
N GLU C 68 -20.90 4.18 19.38
CA GLU C 68 -22.07 4.45 20.19
C GLU C 68 -21.81 4.29 21.70
N LYS C 69 -20.94 3.34 22.06
CA LYS C 69 -20.59 3.07 23.46
C LYS C 69 -19.36 3.82 23.95
N GLY C 70 -18.97 4.87 23.23
CA GLY C 70 -17.84 5.69 23.62
C GLY C 70 -16.42 5.24 23.30
N ILE C 71 -16.26 4.25 22.43
CA ILE C 71 -14.92 3.78 22.09
C ILE C 71 -14.63 4.25 20.67
N ASN C 72 -13.88 5.35 20.56
CA ASN C 72 -13.56 5.93 19.28
C ASN C 72 -12.11 5.74 18.86
N ASP C 73 -11.32 5.10 19.72
CA ASP C 73 -9.91 4.85 19.40
C ASP C 73 -9.83 3.52 18.66
N ILE C 74 -10.28 3.49 17.41
CA ILE C 74 -10.30 2.25 16.64
C ILE C 74 -9.18 2.03 15.65
N ILE C 75 -8.43 0.95 15.87
CA ILE C 75 -7.35 0.56 14.98
C ILE C 75 -7.74 -0.74 14.24
N ILE C 76 -7.82 -0.64 12.91
CA ILE C 76 -8.16 -1.77 12.05
C ILE C 76 -6.94 -2.25 11.28
N ILE C 77 -6.58 -3.51 11.43
CA ILE C 77 -5.44 -4.06 10.70
C ILE C 77 -5.99 -4.60 9.37
N VAL C 78 -5.36 -4.19 8.26
CA VAL C 78 -5.80 -4.58 6.94
C VAL C 78 -4.65 -5.11 6.12
N GLY C 79 -5.00 -5.84 5.07
CA GLY C 79 -4.00 -6.42 4.20
C GLY C 79 -4.68 -6.70 2.88
N TYR C 80 -5.30 -7.87 2.78
CA TYR C 80 -6.02 -8.32 1.59
C TYR C 80 -7.08 -7.29 1.18
N LEU C 81 -6.91 -6.74 -0.02
CA LEU C 81 -7.80 -5.74 -0.61
C LEU C 81 -7.94 -4.52 0.29
N LYS C 82 -6.83 -4.15 0.94
CA LYS C 82 -6.82 -3.01 1.88
C LYS C 82 -7.41 -1.73 1.35
N GLU C 83 -7.10 -1.40 0.11
CA GLU C 83 -7.63 -0.19 -0.52
C GLU C 83 -9.11 0.01 -0.28
N GLN C 84 -9.83 -1.09 -0.08
CA GLN C 84 -11.27 -1.01 0.15
C GLN C 84 -11.71 -0.44 1.50
N PHE C 85 -10.76 -0.35 2.43
CA PHE C 85 -11.01 0.17 3.79
C PHE C 85 -10.82 1.68 3.97
N ASP C 86 -10.01 2.26 3.08
CA ASP C 86 -9.67 3.67 3.09
C ASP C 86 -10.78 4.65 3.43
N TYR C 87 -11.99 4.38 2.97
CA TYR C 87 -13.12 5.26 3.24
C TYR C 87 -13.57 5.29 4.71
N LEU C 88 -13.11 4.31 5.47
CA LEU C 88 -13.48 4.23 6.88
C LEU C 88 -12.83 5.39 7.64
N LYS C 89 -11.59 5.70 7.30
CA LYS C 89 -10.84 6.79 7.93
C LYS C 89 -11.69 8.05 7.90
N GLU C 90 -12.10 8.46 6.70
CA GLU C 90 -12.91 9.65 6.57
C GLU C 90 -14.26 9.50 7.26
N LYS C 91 -14.89 8.34 7.12
CA LYS C 91 -16.22 8.12 7.68
C LYS C 91 -16.35 7.93 9.21
N TYR C 92 -15.47 7.15 9.83
CA TYR C 92 -15.58 6.90 11.26
C TYR C 92 -14.39 7.41 12.06
N GLY C 93 -13.37 7.89 11.36
CA GLY C 93 -12.20 8.37 12.04
C GLY C 93 -11.47 7.20 12.65
N VAL C 94 -11.22 6.21 11.81
CA VAL C 94 -10.53 5.02 12.26
C VAL C 94 -9.10 5.07 11.75
N ARG C 95 -8.24 4.23 12.32
CA ARG C 95 -6.87 4.18 11.88
C ARG C 95 -6.64 2.81 11.29
N LEU C 96 -6.19 2.75 10.05
CA LEU C 96 -5.91 1.47 9.39
C LEU C 96 -4.40 1.19 9.43
N VAL C 97 -4.01 -0.05 9.70
CA VAL C 97 -2.60 -0.38 9.74
C VAL C 97 -2.37 -1.53 8.75
N PHE C 98 -1.36 -1.39 7.92
CA PHE C 98 -1.10 -2.39 6.89
C PHE C 98 -0.15 -3.53 7.23
N ASN C 99 -0.69 -4.74 7.20
CA ASN C 99 0.08 -5.95 7.45
C ASN C 99 0.45 -6.50 6.10
N ASP C 100 1.71 -6.36 5.71
CA ASP C 100 2.17 -6.83 4.41
C ASP C 100 2.44 -8.34 4.37
N LYS C 101 2.30 -9.01 5.52
CA LYS C 101 2.51 -10.44 5.57
C LYS C 101 1.16 -11.14 5.75
N TYR C 102 0.10 -10.41 5.46
CA TYR C 102 -1.25 -10.91 5.64
C TYR C 102 -1.54 -12.26 4.96
N ALA C 103 -0.71 -12.66 4.01
CA ALA C 103 -0.93 -13.93 3.35
C ALA C 103 0.23 -14.82 3.68
N ASP C 104 1.20 -14.26 4.39
CA ASP C 104 2.39 -15.00 4.76
C ASP C 104 2.14 -15.71 6.10
N TYR C 105 1.66 -14.96 7.08
CA TYR C 105 1.43 -15.45 8.43
C TYR C 105 0.01 -15.34 8.96
N ASN C 106 -0.31 -16.16 9.96
CA ASN C 106 -1.64 -16.12 10.58
C ASN C 106 -1.74 -14.80 11.35
N ASN C 107 -2.91 -14.52 11.91
CA ASN C 107 -3.10 -13.24 12.59
C ASN C 107 -2.29 -12.95 13.85
N PHE C 108 -1.32 -13.78 14.16
CA PHE C 108 -0.50 -13.50 15.31
C PHE C 108 0.25 -12.25 14.90
N TYR C 109 0.80 -12.27 13.70
CA TYR C 109 1.57 -11.14 13.21
C TYR C 109 0.76 -9.85 13.11
N SER C 110 -0.51 -9.97 12.77
CA SER C 110 -1.35 -8.76 12.69
C SER C 110 -1.36 -8.02 14.03
N LEU C 111 -1.57 -8.77 15.12
CA LEU C 111 -1.62 -8.18 16.45
C LEU C 111 -0.25 -7.70 16.85
N TYR C 112 0.77 -8.47 16.47
CA TYR C 112 2.14 -8.09 16.79
C TYR C 112 2.42 -6.63 16.41
N LEU C 113 2.00 -6.23 15.23
CA LEU C 113 2.19 -4.86 14.75
C LEU C 113 1.69 -3.79 15.75
N VAL C 114 0.55 -4.05 16.41
CA VAL C 114 0.02 -3.08 17.37
C VAL C 114 0.09 -3.61 18.80
N LYS C 115 0.97 -4.56 19.02
CA LYS C 115 1.11 -5.17 20.35
C LYS C 115 1.18 -4.15 21.49
N GLU C 116 1.54 -2.90 21.20
CA GLU C 116 1.63 -1.93 22.30
C GLU C 116 0.32 -1.20 22.60
N GLU C 117 -0.74 -1.46 21.81
CA GLU C 117 -2.04 -0.81 22.04
C GLU C 117 -3.01 -1.80 22.70
N LEU C 118 -2.49 -2.94 23.10
CA LEU C 118 -3.28 -4.01 23.72
C LEU C 118 -4.02 -3.59 25.00
N ALA C 119 -3.25 -3.19 26.01
CA ALA C 119 -3.79 -2.76 27.31
C ALA C 119 -5.10 -1.98 27.20
N ASN C 120 -6.11 -2.43 27.93
CA ASN C 120 -7.43 -1.81 27.94
C ASN C 120 -8.03 -1.56 26.58
N SER C 121 -7.93 -2.58 25.74
CA SER C 121 -8.50 -2.49 24.41
C SER C 121 -9.20 -3.81 24.08
N TYR C 122 -10.21 -3.70 23.23
CA TYR C 122 -10.96 -4.84 22.76
C TYR C 122 -10.21 -5.33 21.54
N VAL C 123 -10.24 -6.64 21.30
CA VAL C 123 -9.60 -7.24 20.13
C VAL C 123 -10.72 -7.97 19.44
N ILE C 124 -10.93 -7.65 18.17
CA ILE C 124 -12.05 -8.27 17.44
C ILE C 124 -11.69 -8.98 16.12
N ASP C 125 -12.43 -10.06 15.83
CA ASP C 125 -12.32 -10.82 14.58
C ASP C 125 -13.39 -10.19 13.71
N ALA C 126 -12.97 -9.46 12.67
CA ALA C 126 -13.92 -8.69 11.84
C ALA C 126 -14.99 -9.45 11.08
N ASP C 127 -14.76 -10.75 10.86
CA ASP C 127 -15.68 -11.61 10.16
C ASP C 127 -16.82 -12.18 10.97
N ASN C 128 -17.41 -11.36 11.83
CA ASN C 128 -18.53 -11.78 12.65
C ASN C 128 -19.66 -10.77 12.51
N TYR C 129 -20.89 -11.22 12.67
CA TYR C 129 -22.03 -10.32 12.60
C TYR C 129 -22.47 -10.19 14.04
N LEU C 130 -22.72 -8.97 14.49
CA LEU C 130 -23.18 -8.73 15.85
C LEU C 130 -24.65 -8.31 15.81
N PHE C 131 -25.47 -9.10 16.48
CA PHE C 131 -26.88 -8.84 16.52
C PHE C 131 -27.11 -7.72 17.52
N LYS C 132 -26.35 -7.75 18.61
CA LYS C 132 -26.48 -6.71 19.63
C LYS C 132 -25.14 -6.19 20.16
N ASN C 133 -25.12 -4.90 20.51
CA ASN C 133 -23.93 -4.25 21.01
C ASN C 133 -23.56 -4.64 22.43
N MET C 134 -22.75 -5.68 22.56
CA MET C 134 -22.32 -6.16 23.86
C MET C 134 -21.05 -5.45 24.36
N PHE C 135 -20.70 -4.34 23.72
CA PHE C 135 -19.51 -3.60 24.13
C PHE C 135 -19.77 -2.68 25.33
N ARG C 136 -18.71 -2.34 26.05
CA ARG C 136 -18.78 -1.45 27.21
C ARG C 136 -17.38 -0.91 27.51
N ASN C 137 -17.30 0.37 27.86
CA ASN C 137 -16.00 0.98 28.16
C ASN C 137 -15.70 0.92 29.65
N ASP C 138 -16.61 0.29 30.39
CA ASP C 138 -16.50 0.15 31.85
C ASP C 138 -15.78 -1.13 32.26
N LEU C 139 -15.53 -2.01 31.28
CA LEU C 139 -14.85 -3.27 31.56
C LEU C 139 -13.63 -3.05 32.44
N THR C 140 -13.44 -3.94 33.42
CA THR C 140 -12.32 -3.79 34.36
C THR C 140 -11.33 -4.96 34.38
N ARG C 141 -11.68 -6.05 33.72
CA ARG C 141 -10.82 -7.24 33.71
C ARG C 141 -10.90 -8.01 32.38
N SER C 142 -9.82 -8.70 32.06
CA SER C 142 -9.72 -9.50 30.85
C SER C 142 -10.93 -10.39 30.66
N THR C 143 -11.71 -10.09 29.62
CA THR C 143 -12.93 -10.81 29.31
C THR C 143 -13.02 -11.42 27.91
N TYR C 144 -13.71 -12.54 27.83
CA TYR C 144 -13.94 -13.24 26.58
C TYR C 144 -15.46 -13.28 26.44
N PHE C 145 -16.03 -12.64 25.45
CA PHE C 145 -17.49 -12.70 25.29
C PHE C 145 -17.77 -13.96 24.50
N SER C 146 -18.08 -15.01 25.25
CA SER C 146 -18.33 -16.36 24.74
C SER C 146 -19.79 -16.69 24.48
N VAL C 147 -20.03 -17.44 23.42
CA VAL C 147 -21.38 -17.88 23.07
C VAL C 147 -21.39 -19.37 23.27
N TYR C 148 -22.58 -19.92 23.42
CA TYR C 148 -22.70 -21.34 23.61
C TYR C 148 -23.10 -22.04 22.31
N ARG C 149 -22.32 -23.03 21.95
CA ARG C 149 -22.57 -23.77 20.73
C ARG C 149 -23.15 -25.12 21.09
N GLU C 150 -24.48 -25.24 20.97
CA GLU C 150 -25.22 -26.47 21.26
C GLU C 150 -24.87 -27.59 20.29
N ASP C 151 -24.65 -27.24 19.03
CA ASP C 151 -24.27 -28.24 18.05
C ASP C 151 -22.90 -28.81 18.44
N CYS C 152 -22.05 -29.06 17.44
CA CYS C 152 -20.72 -29.62 17.69
C CYS C 152 -19.75 -29.45 16.51
N THR C 153 -18.94 -28.39 16.57
CA THR C 153 -17.94 -28.08 15.53
C THR C 153 -16.57 -28.05 16.18
N ASN C 154 -15.52 -27.87 15.40
CA ASN C 154 -14.20 -27.80 16.01
C ASN C 154 -13.81 -26.34 16.20
N GLU C 155 -13.61 -25.97 17.49
CA GLU C 155 -13.24 -24.60 17.89
C GLU C 155 -12.25 -24.56 19.13
N TRP C 156 -12.27 -23.45 19.90
CA TRP C 156 -11.42 -23.21 21.06
C TRP C 156 -12.40 -23.02 22.20
N PHE C 157 -12.44 -24.02 23.08
CA PHE C 157 -13.43 -24.03 24.15
C PHE C 157 -12.94 -23.49 25.47
N LEU C 158 -13.80 -22.67 26.03
CA LEU C 158 -13.50 -22.03 27.29
C LEU C 158 -13.83 -22.90 28.51
N VAL C 159 -12.84 -23.17 29.35
CA VAL C 159 -13.03 -23.98 30.56
C VAL C 159 -13.04 -23.12 31.83
N TYR C 160 -14.23 -22.86 32.39
CA TYR C 160 -14.31 -22.04 33.59
C TYR C 160 -15.25 -22.50 34.71
N GLY C 161 -14.95 -22.04 35.92
CA GLY C 161 -15.75 -22.39 37.09
C GLY C 161 -16.96 -21.47 37.32
N ASP C 162 -17.34 -21.31 38.58
CA ASP C 162 -18.48 -20.48 38.95
C ASP C 162 -18.09 -19.01 39.04
N ASP C 163 -16.78 -18.78 39.16
CA ASP C 163 -16.19 -17.44 39.25
C ASP C 163 -15.99 -16.87 37.84
N TYR C 164 -16.31 -17.69 36.84
CA TYR C 164 -16.18 -17.31 35.44
C TYR C 164 -14.73 -17.05 35.09
N LYS C 165 -13.81 -17.44 35.96
CA LYS C 165 -12.41 -17.26 35.69
C LYS C 165 -12.04 -18.40 34.77
N VAL C 166 -11.36 -18.08 33.67
CA VAL C 166 -10.97 -19.09 32.71
C VAL C 166 -9.90 -19.96 33.31
N GLN C 167 -10.15 -21.26 33.28
CA GLN C 167 -9.24 -22.24 33.82
C GLN C 167 -8.45 -22.88 32.70
N ASP C 168 -9.05 -22.90 31.52
CA ASP C 168 -8.41 -23.53 30.38
C ASP C 168 -9.10 -23.16 29.09
N ILE C 169 -8.39 -23.37 27.99
CA ILE C 169 -8.90 -23.14 26.64
C ILE C 169 -8.45 -24.40 25.87
N ILE C 170 -9.40 -25.13 25.32
CA ILE C 170 -9.06 -26.36 24.62
C ILE C 170 -9.61 -26.43 23.21
N VAL C 171 -8.74 -26.77 22.27
CA VAL C 171 -9.17 -26.90 20.88
C VAL C 171 -9.92 -28.21 20.89
N ASP C 172 -11.07 -28.25 20.24
CA ASP C 172 -11.83 -29.49 20.22
C ASP C 172 -13.08 -29.38 19.41
N SER C 173 -13.68 -30.54 19.15
CA SER C 173 -14.92 -30.64 18.40
C SER C 173 -15.99 -31.13 19.35
N LYS C 174 -16.90 -30.22 19.71
CA LYS C 174 -17.97 -30.58 20.61
C LYS C 174 -18.88 -29.39 20.82
N ALA C 175 -19.53 -29.33 21.97
CA ALA C 175 -20.43 -28.22 22.26
C ALA C 175 -19.92 -27.47 23.49
N GLY C 176 -20.43 -26.27 23.73
CA GLY C 176 -19.97 -25.56 24.90
C GLY C 176 -19.73 -24.09 24.65
N ARG C 177 -18.99 -23.45 25.57
CA ARG C 177 -18.69 -22.05 25.40
C ARG C 177 -17.38 -21.95 24.62
N ILE C 178 -17.39 -21.07 23.61
CA ILE C 178 -16.25 -20.91 22.69
C ILE C 178 -15.70 -19.49 22.52
N LEU C 179 -14.43 -19.42 22.13
CA LEU C 179 -13.83 -18.13 21.86
C LEU C 179 -14.64 -17.69 20.63
N SER C 180 -15.42 -16.64 20.82
CA SER C 180 -16.28 -16.15 19.76
C SER C 180 -15.88 -14.87 19.04
N GLY C 181 -14.59 -14.52 19.04
CA GLY C 181 -14.17 -13.33 18.28
C GLY C 181 -14.27 -11.94 18.88
N VAL C 182 -14.61 -11.84 20.16
CA VAL C 182 -14.70 -10.56 20.84
C VAL C 182 -14.20 -10.72 22.27
N SER C 183 -13.28 -9.85 22.67
CA SER C 183 -12.70 -9.88 23.99
C SER C 183 -12.12 -8.52 24.41
N PHE C 184 -11.71 -8.42 25.67
CA PHE C 184 -11.15 -7.20 26.21
C PHE C 184 -9.96 -7.61 27.04
N TRP C 185 -8.93 -6.77 27.05
CA TRP C 185 -7.74 -7.10 27.82
C TRP C 185 -7.28 -5.90 28.64
N ASP C 186 -7.18 -6.08 29.96
CA ASP C 186 -6.75 -5.00 30.83
C ASP C 186 -5.22 -4.83 30.79
N ALA C 187 -4.73 -3.71 31.33
CA ALA C 187 -3.29 -3.41 31.33
C ALA C 187 -2.37 -4.48 31.93
N PRO C 188 -2.65 -4.98 33.14
CA PRO C 188 -1.78 -6.00 33.73
C PRO C 188 -1.75 -7.30 32.93
N THR C 189 -2.89 -7.70 32.39
CA THR C 189 -2.95 -8.92 31.58
C THR C 189 -2.26 -8.72 30.22
N ALA C 190 -2.55 -7.60 29.56
CA ALA C 190 -1.97 -7.27 28.26
C ALA C 190 -0.45 -7.30 28.35
N GLU C 191 0.06 -6.79 29.46
CA GLU C 191 1.50 -6.72 29.71
C GLU C 191 2.14 -8.11 29.72
N LYS C 192 1.45 -9.05 30.38
CA LYS C 192 1.94 -10.42 30.47
C LYS C 192 1.91 -10.98 29.07
N ILE C 193 0.81 -10.71 28.37
CA ILE C 193 0.65 -11.21 27.01
C ILE C 193 1.74 -10.69 26.10
N VAL C 194 1.86 -9.36 26.01
CA VAL C 194 2.88 -8.72 25.17
C VAL C 194 4.29 -9.20 25.43
N SER C 195 4.54 -9.77 26.60
CA SER C 195 5.86 -10.27 26.89
C SER C 195 6.01 -11.64 26.20
N PHE C 196 4.90 -12.36 26.05
CA PHE C 196 4.90 -13.68 25.41
C PHE C 196 5.05 -13.44 23.91
N ILE C 197 4.32 -12.43 23.43
CA ILE C 197 4.36 -12.07 22.02
C ILE C 197 5.80 -11.80 21.60
N ASP C 198 6.55 -11.11 22.45
CA ASP C 198 7.93 -10.81 22.12
C ASP C 198 8.75 -12.08 21.98
N LYS C 199 8.79 -12.90 23.03
CA LYS C 199 9.57 -14.13 22.96
C LYS C 199 9.15 -14.93 21.73
N ALA C 200 7.84 -14.97 21.49
CA ALA C 200 7.27 -15.68 20.35
C ALA C 200 7.90 -15.20 19.06
N TYR C 201 7.72 -13.90 18.82
CA TYR C 201 8.27 -13.25 17.64
C TYR C 201 9.72 -13.68 17.45
N VAL C 202 10.57 -13.26 18.39
CA VAL C 202 11.99 -13.57 18.38
C VAL C 202 12.33 -15.05 18.32
N SER C 203 11.37 -15.91 18.66
CA SER C 203 11.56 -17.36 18.63
C SER C 203 11.88 -17.77 17.20
N GLY C 204 11.20 -17.13 16.25
CA GLY C 204 11.41 -17.44 14.86
C GLY C 204 10.22 -18.17 14.29
N GLU C 205 9.46 -18.81 15.15
CA GLU C 205 8.29 -19.56 14.72
C GLU C 205 7.00 -18.93 15.23
N PHE C 206 6.14 -18.51 14.30
CA PHE C 206 4.88 -17.90 14.66
C PHE C 206 4.01 -17.71 13.44
N VAL C 207 4.47 -18.28 12.33
CA VAL C 207 3.77 -18.21 11.04
C VAL C 207 2.28 -18.59 11.13
N ASP C 208 2.04 -19.77 11.69
CA ASP C 208 0.69 -20.32 11.81
C ASP C 208 -0.09 -19.90 13.06
N LEU C 209 0.60 -19.33 14.04
CA LEU C 209 -0.09 -18.93 15.26
C LEU C 209 -1.12 -17.84 15.15
N TYR C 210 -2.27 -18.08 15.78
CA TYR C 210 -3.29 -17.10 15.88
C TYR C 210 -2.79 -16.25 17.05
N TRP C 211 -3.15 -14.99 17.14
CA TRP C 211 -2.63 -14.21 18.26
C TRP C 211 -3.14 -14.87 19.54
N ASP C 212 -4.24 -15.61 19.39
CA ASP C 212 -4.86 -16.29 20.52
C ASP C 212 -4.01 -17.41 21.07
N ASN C 213 -3.02 -17.85 20.31
CA ASN C 213 -2.15 -18.91 20.79
C ASN C 213 -1.32 -18.38 21.94
N MET C 214 -1.28 -17.05 22.07
CA MET C 214 -0.53 -16.41 23.16
C MET C 214 -1.21 -16.66 24.50
N VAL C 215 -2.55 -16.56 24.50
CA VAL C 215 -3.34 -16.78 25.70
C VAL C 215 -3.49 -18.27 25.98
N LYS C 216 -4.17 -18.99 25.09
CA LYS C 216 -4.39 -20.42 25.27
C LYS C 216 -3.14 -21.21 25.67
N ASP C 217 -1.97 -20.77 25.23
CA ASP C 217 -0.74 -21.50 25.55
C ASP C 217 0.04 -20.93 26.74
N ASN C 218 -0.64 -20.09 27.52
CA ASN C 218 -0.06 -19.46 28.70
C ASN C 218 -1.22 -19.04 29.59
N ILE C 219 -2.37 -19.68 29.40
CA ILE C 219 -3.59 -19.38 30.16
C ILE C 219 -3.33 -19.50 31.65
N LYS C 220 -2.40 -20.38 32.02
CA LYS C 220 -2.07 -20.60 33.42
C LYS C 220 -1.51 -19.35 34.07
N GLU C 221 -0.76 -18.56 33.31
CA GLU C 221 -0.16 -17.34 33.83
C GLU C 221 -1.04 -16.11 33.73
N LEU C 222 -2.23 -16.25 33.16
CA LEU C 222 -3.11 -15.10 33.01
C LEU C 222 -4.45 -15.24 33.71
N ASP C 223 -5.05 -14.09 34.02
CA ASP C 223 -6.34 -14.05 34.70
C ASP C 223 -7.39 -13.49 33.77
N VAL C 224 -8.15 -14.40 33.16
CA VAL C 224 -9.19 -14.03 32.20
C VAL C 224 -10.57 -14.49 32.62
N TYR C 225 -11.58 -13.67 32.34
CA TYR C 225 -12.93 -14.01 32.71
C TYR C 225 -13.84 -14.17 31.49
N VAL C 226 -14.90 -14.94 31.65
CA VAL C 226 -15.85 -15.17 30.56
C VAL C 226 -17.10 -14.30 30.73
N GLU C 227 -17.69 -13.88 29.63
CA GLU C 227 -18.90 -13.08 29.68
C GLU C 227 -19.95 -13.78 28.80
N GLU C 228 -20.62 -14.77 29.39
CA GLU C 228 -21.61 -15.53 28.67
C GLU C 228 -22.59 -14.69 27.89
N LEU C 229 -22.59 -14.86 26.57
CA LEU C 229 -23.52 -14.12 25.71
C LEU C 229 -24.73 -15.04 25.57
N GLU C 230 -25.85 -14.50 25.15
CA GLU C 230 -27.05 -15.30 25.01
C GLU C 230 -27.91 -14.91 23.81
N GLY C 231 -28.66 -15.88 23.31
CA GLY C 231 -29.51 -15.63 22.17
C GLY C 231 -28.67 -15.40 20.94
N ASN C 232 -29.24 -14.63 20.01
CA ASN C 232 -28.55 -14.29 18.77
C ASN C 232 -27.70 -13.08 19.16
N SER C 233 -26.39 -13.31 19.30
CA SER C 233 -25.45 -12.26 19.68
C SER C 233 -24.30 -12.03 18.68
N ILE C 234 -23.43 -13.02 18.53
CA ILE C 234 -22.29 -12.93 17.63
C ILE C 234 -22.36 -14.05 16.59
N TYR C 235 -22.65 -13.72 15.34
CA TYR C 235 -22.75 -14.74 14.30
C TYR C 235 -21.55 -14.70 13.36
N GLU C 236 -20.80 -15.80 13.36
CA GLU C 236 -19.61 -15.89 12.52
C GLU C 236 -19.93 -16.47 11.18
N ILE C 237 -19.29 -15.92 10.15
CA ILE C 237 -19.46 -16.38 8.77
C ILE C 237 -18.12 -16.84 8.21
N ASP C 238 -17.83 -18.13 8.36
CA ASP C 238 -16.58 -18.67 7.87
C ASP C 238 -16.79 -19.42 6.54
N SER C 239 -18.05 -19.49 6.10
CA SER C 239 -18.42 -20.17 4.85
C SER C 239 -19.72 -19.62 4.24
N VAL C 240 -19.87 -19.76 2.92
CA VAL C 240 -21.06 -19.27 2.21
C VAL C 240 -22.37 -19.85 2.75
N GLN C 241 -22.27 -20.98 3.46
CA GLN C 241 -23.47 -21.56 4.02
C GLN C 241 -23.88 -20.69 5.19
N ASP C 242 -22.94 -20.45 6.11
CA ASP C 242 -23.22 -19.60 7.26
C ASP C 242 -23.83 -18.33 6.74
N TYR C 243 -23.22 -17.76 5.71
CA TYR C 243 -23.72 -16.52 5.14
C TYR C 243 -25.12 -16.74 4.59
N ARG C 244 -25.42 -17.96 4.20
CA ARG C 244 -26.73 -18.29 3.69
C ARG C 244 -27.68 -18.34 4.89
N LYS C 245 -27.24 -19.02 5.94
CA LYS C 245 -27.99 -19.14 7.19
C LYS C 245 -28.30 -17.73 7.70
N LEU C 246 -27.31 -17.08 8.30
CA LEU C 246 -27.48 -15.73 8.83
C LEU C 246 -28.54 -14.93 8.07
N GLU C 247 -28.53 -15.05 6.75
CA GLU C 247 -29.48 -14.36 5.89
C GLU C 247 -30.91 -14.58 6.38
N GLU C 248 -31.28 -15.86 6.42
CA GLU C 248 -32.60 -16.30 6.85
C GLU C 248 -32.89 -15.96 8.31
N ILE C 249 -31.94 -16.21 9.21
CA ILE C 249 -32.13 -15.91 10.63
C ILE C 249 -32.71 -14.51 10.69
N LEU C 250 -32.17 -13.63 9.84
CA LEU C 250 -32.62 -12.25 9.76
C LEU C 250 -33.90 -12.16 8.93
N LYS C 251 -34.28 -13.25 8.27
CA LYS C 251 -35.47 -13.33 7.43
C LYS C 251 -36.37 -12.09 7.57
N ILE D 24 -13.94 -36.26 -31.37
CA ILE D 24 -13.45 -35.15 -32.25
C ILE D 24 -14.52 -34.06 -32.44
N ARG D 25 -15.60 -34.13 -31.65
CA ARG D 25 -16.65 -33.11 -31.73
C ARG D 25 -16.49 -32.15 -30.54
N VAL D 26 -16.68 -30.86 -30.83
CA VAL D 26 -16.55 -29.82 -29.81
C VAL D 26 -17.83 -29.54 -29.04
N LYS D 27 -17.73 -29.67 -27.71
CA LYS D 27 -18.84 -29.40 -26.82
C LYS D 27 -18.54 -28.22 -25.93
N ALA D 28 -19.59 -27.69 -25.31
CA ALA D 28 -19.47 -26.55 -24.43
C ALA D 28 -20.07 -26.84 -23.03
N ILE D 29 -19.31 -26.52 -21.98
CA ILE D 29 -19.71 -26.69 -20.58
C ILE D 29 -19.92 -25.25 -20.04
N ILE D 30 -21.10 -24.92 -19.56
CA ILE D 30 -21.31 -23.58 -19.01
C ILE D 30 -21.55 -23.64 -17.48
N LEU D 31 -20.67 -22.99 -16.72
CA LEU D 31 -20.77 -22.95 -15.27
C LEU D 31 -21.77 -21.90 -14.91
N ALA D 32 -22.92 -22.33 -14.40
CA ALA D 32 -23.98 -21.38 -14.03
C ALA D 32 -24.70 -21.73 -12.72
N ALA D 33 -24.01 -22.40 -11.79
CA ALA D 33 -24.63 -22.84 -10.54
C ALA D 33 -24.67 -21.88 -9.36
N GLY D 34 -23.68 -20.96 -9.30
CA GLY D 34 -23.54 -20.00 -8.21
C GLY D 34 -24.73 -19.17 -7.78
N LEU D 35 -24.68 -18.66 -6.56
CA LEU D 35 -25.79 -17.85 -6.03
C LEU D 35 -25.84 -16.45 -6.61
N GLY D 36 -24.66 -15.88 -6.90
CA GLY D 36 -24.59 -14.55 -7.48
C GLY D 36 -25.16 -13.52 -6.53
N THR D 37 -24.66 -13.55 -5.31
CA THR D 37 -25.11 -12.64 -4.25
C THR D 37 -24.63 -11.21 -4.48
N ARG D 38 -23.48 -11.06 -5.14
CA ARG D 38 -22.94 -9.73 -5.41
C ARG D 38 -23.80 -8.93 -6.37
N LEU D 39 -24.81 -9.58 -6.96
CA LEU D 39 -25.66 -8.89 -7.89
C LEU D 39 -27.06 -8.59 -7.37
N ARG D 40 -27.36 -8.95 -6.12
CA ARG D 40 -28.70 -8.66 -5.58
C ARG D 40 -28.88 -7.16 -5.72
N PRO D 41 -30.13 -6.68 -5.75
CA PRO D 41 -31.39 -7.42 -5.66
C PRO D 41 -31.76 -8.09 -6.99
N LEU D 42 -31.00 -7.75 -8.03
CA LEU D 42 -31.21 -8.26 -9.39
C LEU D 42 -31.27 -9.79 -9.45
N THR D 43 -30.51 -10.45 -8.59
CA THR D 43 -30.50 -11.89 -8.60
C THR D 43 -31.25 -12.42 -7.39
N GLU D 44 -32.21 -11.66 -6.87
CA GLU D 44 -32.93 -12.18 -5.73
C GLU D 44 -33.81 -13.36 -6.18
N ASN D 45 -34.51 -13.20 -7.30
CA ASN D 45 -35.35 -14.28 -7.80
C ASN D 45 -35.03 -14.64 -9.25
N THR D 46 -33.76 -14.55 -9.62
CA THR D 46 -33.32 -14.82 -10.97
C THR D 46 -31.87 -15.25 -10.90
N PRO D 47 -31.51 -16.43 -11.44
CA PRO D 47 -30.08 -16.70 -11.31
C PRO D 47 -29.36 -15.65 -12.16
N LYS D 48 -28.04 -15.53 -11.96
CA LYS D 48 -27.21 -14.57 -12.68
C LYS D 48 -27.19 -14.83 -14.18
N ALA D 49 -26.97 -16.09 -14.55
CA ALA D 49 -26.93 -16.56 -15.92
C ALA D 49 -28.15 -16.15 -16.74
N LEU D 50 -29.31 -16.08 -16.08
CA LEU D 50 -30.56 -15.70 -16.74
C LEU D 50 -30.93 -14.22 -16.53
N VAL D 51 -29.99 -13.41 -16.03
CA VAL D 51 -30.28 -11.99 -15.86
C VAL D 51 -30.25 -11.48 -17.31
N GLN D 52 -31.11 -10.52 -17.65
CA GLN D 52 -31.15 -10.05 -19.03
C GLN D 52 -30.66 -8.65 -19.35
N VAL D 53 -29.99 -8.55 -20.50
CA VAL D 53 -29.49 -7.30 -21.06
C VAL D 53 -29.99 -7.22 -22.50
N ASN D 54 -30.48 -6.05 -22.89
CA ASN D 54 -31.03 -5.84 -24.22
C ASN D 54 -32.12 -6.90 -24.28
N GLN D 55 -33.00 -6.84 -23.28
CA GLN D 55 -34.11 -7.77 -23.12
C GLN D 55 -33.85 -9.23 -23.49
N LYS D 56 -32.78 -9.82 -22.97
CA LYS D 56 -32.48 -11.20 -23.27
C LYS D 56 -31.51 -11.81 -22.26
N PRO D 57 -31.79 -13.06 -21.81
CA PRO D 57 -30.94 -13.76 -20.84
C PRO D 57 -29.50 -13.95 -21.26
N LEU D 58 -28.60 -13.67 -20.33
CA LEU D 58 -27.16 -13.77 -20.55
C LEU D 58 -26.74 -15.09 -21.16
N ILE D 59 -27.25 -16.18 -20.61
CA ILE D 59 -26.89 -17.50 -21.12
C ILE D 59 -27.35 -17.75 -22.57
N GLU D 60 -28.42 -17.07 -22.99
CA GLU D 60 -28.91 -17.25 -24.36
C GLU D 60 -27.91 -16.78 -25.41
N TYR D 61 -27.34 -15.59 -25.21
CA TYR D 61 -26.33 -15.04 -26.13
C TYR D 61 -25.20 -16.06 -26.38
N GLN D 62 -24.72 -16.69 -25.31
CA GLN D 62 -23.62 -17.63 -25.47
C GLN D 62 -24.06 -18.94 -26.09
N ILE D 63 -25.31 -19.29 -25.87
CA ILE D 63 -25.82 -20.55 -26.39
C ILE D 63 -26.02 -20.42 -27.89
N GLU D 64 -26.63 -19.30 -28.29
CA GLU D 64 -26.86 -19.03 -29.69
C GLU D 64 -25.53 -18.81 -30.43
N PHE D 65 -24.54 -18.21 -29.78
CA PHE D 65 -23.26 -18.02 -30.44
C PHE D 65 -22.59 -19.36 -30.58
N LEU D 66 -22.82 -20.25 -29.64
CA LEU D 66 -22.15 -21.55 -29.70
C LEU D 66 -22.77 -22.47 -30.75
N LYS D 67 -24.09 -22.37 -30.90
CA LYS D 67 -24.83 -23.17 -31.86
C LYS D 67 -24.54 -22.68 -33.27
N GLU D 68 -24.68 -21.38 -33.46
CA GLU D 68 -24.42 -20.77 -34.75
C GLU D 68 -23.03 -21.14 -35.26
N LYS D 69 -22.13 -21.56 -34.37
CA LYS D 69 -20.79 -21.96 -34.77
C LYS D 69 -20.68 -23.49 -34.73
N GLY D 70 -21.83 -24.15 -34.79
CA GLY D 70 -21.83 -25.60 -34.81
C GLY D 70 -21.44 -26.35 -33.57
N ILE D 71 -21.59 -25.74 -32.41
CA ILE D 71 -21.29 -26.41 -31.14
C ILE D 71 -22.65 -26.54 -30.48
N ASN D 72 -23.30 -27.68 -30.68
CA ASN D 72 -24.64 -27.88 -30.12
C ASN D 72 -24.68 -28.86 -28.95
N ASP D 73 -23.51 -29.44 -28.68
CA ASP D 73 -23.31 -30.36 -27.58
C ASP D 73 -23.08 -29.46 -26.34
N ILE D 74 -24.14 -28.84 -25.82
CA ILE D 74 -24.02 -27.92 -24.69
C ILE D 74 -24.52 -28.35 -23.29
N ILE D 75 -23.57 -28.53 -22.37
CA ILE D 75 -23.90 -28.91 -21.00
C ILE D 75 -23.84 -27.69 -20.06
N ILE D 76 -24.96 -27.43 -19.39
CA ILE D 76 -25.12 -26.34 -18.44
C ILE D 76 -25.21 -26.85 -16.99
N ILE D 77 -24.24 -26.47 -16.14
CA ILE D 77 -24.27 -26.88 -14.73
C ILE D 77 -25.14 -25.87 -13.98
N VAL D 78 -26.22 -26.36 -13.37
CA VAL D 78 -27.13 -25.49 -12.64
C VAL D 78 -27.20 -25.80 -11.14
N GLY D 79 -27.91 -24.92 -10.43
CA GLY D 79 -28.08 -25.03 -8.99
C GLY D 79 -29.03 -23.97 -8.47
N TYR D 80 -28.49 -22.85 -8.02
CA TYR D 80 -29.34 -21.80 -7.50
C TYR D 80 -30.47 -21.47 -8.49
N LEU D 81 -31.72 -21.72 -8.08
CA LEU D 81 -32.90 -21.44 -8.90
C LEU D 81 -32.94 -22.23 -10.21
N LYS D 82 -32.38 -23.44 -10.19
CA LYS D 82 -32.31 -24.33 -11.36
C LYS D 82 -33.61 -24.52 -12.16
N GLU D 83 -34.75 -24.48 -11.49
CA GLU D 83 -36.01 -24.66 -12.22
C GLU D 83 -36.18 -23.65 -13.35
N GLN D 84 -35.52 -22.50 -13.24
CA GLN D 84 -35.62 -21.45 -14.25
C GLN D 84 -34.82 -21.72 -15.54
N PHE D 85 -34.08 -22.83 -15.55
CA PHE D 85 -33.27 -23.22 -16.70
C PHE D 85 -33.96 -24.26 -17.58
N ASP D 86 -34.86 -25.04 -16.98
CA ASP D 86 -35.59 -26.11 -17.65
C ASP D 86 -36.05 -25.81 -19.08
N TYR D 87 -36.53 -24.59 -19.33
CA TYR D 87 -36.98 -24.23 -20.68
C TYR D 87 -35.92 -24.27 -21.80
N LEU D 88 -34.64 -24.31 -21.45
CA LEU D 88 -33.56 -24.32 -22.44
C LEU D 88 -33.40 -25.67 -23.06
N LYS D 89 -33.88 -26.70 -22.37
CA LYS D 89 -33.78 -28.05 -22.88
C LYS D 89 -34.64 -28.09 -24.14
N GLU D 90 -35.86 -27.61 -23.99
CA GLU D 90 -36.81 -27.58 -25.10
C GLU D 90 -36.39 -26.64 -26.20
N LYS D 91 -35.97 -25.45 -25.80
CA LYS D 91 -35.60 -24.42 -26.74
C LYS D 91 -34.32 -24.60 -27.52
N TYR D 92 -33.25 -25.04 -26.88
CA TYR D 92 -31.99 -25.19 -27.57
C TYR D 92 -31.47 -26.60 -27.56
N GLY D 93 -32.09 -27.47 -26.78
CA GLY D 93 -31.60 -28.83 -26.72
C GLY D 93 -30.31 -28.92 -25.95
N VAL D 94 -30.25 -28.20 -24.82
CA VAL D 94 -29.08 -28.17 -23.94
C VAL D 94 -29.28 -29.24 -22.87
N ARG D 95 -28.19 -29.79 -22.36
CA ARG D 95 -28.26 -30.79 -21.30
C ARG D 95 -27.96 -30.10 -19.96
N LEU D 96 -28.94 -30.06 -19.06
CA LEU D 96 -28.79 -29.45 -17.73
C LEU D 96 -28.24 -30.45 -16.70
N VAL D 97 -27.43 -30.00 -15.77
CA VAL D 97 -26.88 -30.88 -14.75
C VAL D 97 -26.94 -30.18 -13.40
N PHE D 98 -27.46 -30.89 -12.41
CA PHE D 98 -27.63 -30.34 -11.08
C PHE D 98 -26.50 -30.55 -10.08
N ASN D 99 -25.99 -29.45 -9.55
CA ASN D 99 -24.94 -29.44 -8.54
C ASN D 99 -25.70 -29.15 -7.23
N ASP D 100 -25.86 -30.16 -6.37
CA ASP D 100 -26.62 -29.94 -5.15
C ASP D 100 -25.85 -29.06 -4.15
N LYS D 101 -24.52 -29.14 -4.25
CA LYS D 101 -23.59 -28.38 -3.42
C LYS D 101 -23.22 -27.05 -4.07
N TYR D 102 -24.18 -26.37 -4.64
CA TYR D 102 -23.87 -25.10 -5.28
C TYR D 102 -23.59 -23.99 -4.28
N ALA D 103 -24.04 -24.15 -3.03
CA ALA D 103 -23.80 -23.13 -2.02
C ALA D 103 -22.76 -23.67 -1.05
N ASP D 104 -22.53 -24.97 -1.09
CA ASP D 104 -21.55 -25.58 -0.21
C ASP D 104 -20.11 -25.37 -0.68
N TYR D 105 -19.85 -25.65 -1.96
CA TYR D 105 -18.50 -25.46 -2.51
C TYR D 105 -18.42 -24.40 -3.59
N ASN D 106 -17.21 -24.19 -4.10
CA ASN D 106 -16.99 -23.24 -5.17
C ASN D 106 -17.08 -24.02 -6.47
N ASN D 107 -17.22 -23.33 -7.60
CA ASN D 107 -17.36 -24.01 -8.87
C ASN D 107 -16.36 -25.12 -9.26
N PHE D 108 -15.38 -25.43 -8.40
CA PHE D 108 -14.45 -26.52 -8.71
C PHE D 108 -15.32 -27.77 -8.85
N TYR D 109 -16.15 -28.00 -7.83
CA TYR D 109 -17.07 -29.12 -7.77
C TYR D 109 -18.05 -29.18 -8.95
N SER D 110 -18.58 -28.02 -9.37
CA SER D 110 -19.49 -27.96 -10.50
C SER D 110 -18.86 -28.63 -11.73
N LEU D 111 -17.59 -28.33 -11.97
CA LEU D 111 -16.86 -28.91 -13.07
C LEU D 111 -16.47 -30.37 -12.77
N TYR D 112 -16.33 -30.69 -11.49
CA TYR D 112 -15.96 -32.05 -11.12
C TYR D 112 -17.03 -33.00 -11.62
N LEU D 113 -18.28 -32.57 -11.48
CA LEU D 113 -19.47 -33.31 -11.90
C LEU D 113 -19.46 -33.82 -13.35
N VAL D 114 -18.86 -33.05 -14.25
CA VAL D 114 -18.77 -33.40 -15.65
C VAL D 114 -17.30 -33.45 -16.02
N LYS D 115 -16.49 -33.81 -15.05
CA LYS D 115 -15.06 -33.88 -15.21
C LYS D 115 -14.51 -34.73 -16.37
N GLU D 116 -15.36 -35.52 -17.01
CA GLU D 116 -14.84 -36.34 -18.10
C GLU D 116 -15.24 -35.88 -19.49
N GLU D 117 -16.06 -34.83 -19.53
CA GLU D 117 -16.52 -34.21 -20.76
C GLU D 117 -15.60 -33.03 -21.11
N LEU D 118 -14.55 -32.83 -20.32
CA LEU D 118 -13.62 -31.73 -20.52
C LEU D 118 -12.89 -31.73 -21.87
N ALA D 119 -12.34 -32.87 -22.27
CA ALA D 119 -11.59 -32.95 -23.53
C ALA D 119 -12.30 -32.27 -24.67
N ASN D 120 -11.53 -31.48 -25.39
CA ASN D 120 -12.03 -30.75 -26.55
C ASN D 120 -13.38 -30.07 -26.31
N SER D 121 -13.47 -29.34 -25.21
CA SER D 121 -14.68 -28.61 -24.86
C SER D 121 -14.39 -27.23 -24.28
N TYR D 122 -15.35 -26.35 -24.49
CA TYR D 122 -15.27 -25.00 -23.99
C TYR D 122 -15.80 -24.97 -22.57
N VAL D 123 -15.10 -24.29 -21.66
CA VAL D 123 -15.61 -24.12 -20.30
C VAL D 123 -15.98 -22.64 -20.24
N ILE D 124 -17.19 -22.32 -19.82
CA ILE D 124 -17.63 -20.92 -19.80
C ILE D 124 -18.31 -20.44 -18.52
N ASP D 125 -17.89 -19.26 -18.05
CA ASP D 125 -18.49 -18.67 -16.84
C ASP D 125 -19.74 -17.98 -17.32
N ALA D 126 -20.89 -18.53 -16.97
CA ALA D 126 -22.18 -17.98 -17.41
C ALA D 126 -22.44 -16.51 -17.19
N ASP D 127 -21.78 -15.92 -16.21
CA ASP D 127 -22.02 -14.51 -15.91
C ASP D 127 -21.31 -13.52 -16.83
N ASN D 128 -21.28 -13.83 -18.13
CA ASN D 128 -20.63 -12.95 -19.09
C ASN D 128 -21.46 -12.54 -20.28
N TYR D 129 -21.30 -11.30 -20.69
CA TYR D 129 -21.98 -10.78 -21.87
C TYR D 129 -20.94 -10.80 -22.98
N LEU D 130 -21.28 -11.46 -24.07
CA LEU D 130 -20.37 -11.56 -25.20
C LEU D 130 -20.83 -10.56 -26.27
N PHE D 131 -19.97 -9.60 -26.60
CA PHE D 131 -20.28 -8.59 -27.61
C PHE D 131 -20.21 -9.21 -29.00
N LYS D 132 -19.29 -10.16 -29.16
CA LYS D 132 -19.10 -10.84 -30.44
C LYS D 132 -18.77 -12.31 -30.24
N ASN D 133 -19.12 -13.13 -31.23
CA ASN D 133 -18.89 -14.57 -31.16
C ASN D 133 -17.46 -14.99 -31.52
N MET D 134 -16.62 -15.18 -30.52
CA MET D 134 -15.24 -15.58 -30.73
C MET D 134 -15.05 -17.10 -30.66
N PHE D 135 -16.15 -17.84 -30.71
CA PHE D 135 -16.10 -19.30 -30.62
C PHE D 135 -15.72 -19.92 -31.95
N ARG D 136 -15.00 -21.05 -31.92
CA ARG D 136 -14.61 -21.77 -33.13
C ARG D 136 -14.46 -23.25 -32.82
N ASN D 137 -15.10 -24.12 -33.60
CA ASN D 137 -15.01 -25.56 -33.36
C ASN D 137 -13.75 -26.16 -34.00
N ASP D 138 -12.93 -25.30 -34.59
CA ASP D 138 -11.70 -25.71 -35.23
C ASP D 138 -10.54 -25.64 -34.24
N LEU D 139 -10.80 -25.09 -33.07
CA LEU D 139 -9.76 -24.96 -32.05
C LEU D 139 -8.91 -26.22 -32.05
N THR D 140 -7.61 -26.02 -31.90
CA THR D 140 -6.65 -27.13 -31.94
C THR D 140 -5.83 -27.29 -30.67
N ARG D 141 -5.94 -26.32 -29.76
CA ARG D 141 -5.19 -26.39 -28.50
C ARG D 141 -5.86 -25.67 -27.36
N SER D 142 -5.40 -25.98 -26.15
CA SER D 142 -5.91 -25.37 -24.93
C SER D 142 -5.72 -23.87 -25.06
N THR D 143 -6.84 -23.15 -25.04
CA THR D 143 -6.84 -21.70 -25.20
C THR D 143 -7.53 -20.93 -24.08
N TYR D 144 -7.03 -19.73 -23.84
CA TYR D 144 -7.60 -18.83 -22.86
C TYR D 144 -8.00 -17.59 -23.65
N PHE D 145 -9.28 -17.25 -23.72
CA PHE D 145 -9.63 -16.06 -24.50
C PHE D 145 -9.55 -14.81 -23.64
N SER D 146 -8.35 -14.23 -23.62
CA SER D 146 -7.98 -13.06 -22.82
C SER D 146 -8.23 -11.64 -23.29
N VAL D 147 -8.85 -10.84 -22.42
CA VAL D 147 -9.08 -9.42 -22.71
C VAL D 147 -8.07 -8.64 -21.86
N TYR D 148 -7.72 -7.45 -22.32
CA TYR D 148 -6.76 -6.61 -21.61
C TYR D 148 -7.46 -5.52 -20.76
N ARG D 149 -7.21 -5.57 -19.46
CA ARG D 149 -7.81 -4.59 -18.58
C ARG D 149 -6.78 -3.50 -18.36
N GLU D 150 -7.05 -2.34 -18.95
CA GLU D 150 -6.15 -1.22 -18.83
C GLU D 150 -6.21 -0.66 -17.42
N ASP D 151 -7.37 -0.78 -16.78
CA ASP D 151 -7.54 -0.29 -15.42
C ASP D 151 -6.67 -1.12 -14.49
N CYS D 152 -7.17 -1.34 -13.29
CA CYS D 152 -6.47 -2.15 -12.32
C CYS D 152 -7.44 -2.70 -11.25
N THR D 153 -7.74 -3.98 -11.39
CA THR D 153 -8.62 -4.64 -10.45
C THR D 153 -7.89 -5.90 -10.02
N ASN D 154 -8.43 -6.61 -9.05
CA ASN D 154 -7.80 -7.84 -8.58
C ASN D 154 -8.37 -8.96 -9.46
N GLU D 155 -7.51 -9.56 -10.28
CA GLU D 155 -7.92 -10.64 -11.18
C GLU D 155 -6.82 -11.69 -11.28
N TRP D 156 -7.08 -12.72 -12.09
CA TRP D 156 -6.12 -13.77 -12.38
C TRP D 156 -5.50 -13.27 -13.69
N PHE D 157 -4.18 -13.07 -13.67
CA PHE D 157 -3.48 -12.56 -14.83
C PHE D 157 -2.65 -13.61 -15.56
N LEU D 158 -2.67 -13.50 -16.88
CA LEU D 158 -1.93 -14.42 -17.72
C LEU D 158 -0.55 -13.88 -18.04
N VAL D 159 0.47 -14.70 -17.78
CA VAL D 159 1.86 -14.34 -18.03
C VAL D 159 2.37 -15.17 -19.22
N TYR D 160 2.42 -14.55 -20.40
CA TYR D 160 2.87 -15.26 -21.62
C TYR D 160 3.85 -14.48 -22.48
N GLY D 161 4.60 -15.23 -23.29
CA GLY D 161 5.59 -14.63 -24.20
C GLY D 161 5.10 -14.30 -25.61
N ASP D 162 5.99 -14.47 -26.59
CA ASP D 162 5.66 -14.17 -27.99
C ASP D 162 5.06 -15.36 -28.71
N ASP D 163 5.12 -16.51 -28.06
CA ASP D 163 4.58 -17.75 -28.61
C ASP D 163 3.17 -17.90 -28.06
N TYR D 164 2.79 -16.95 -27.22
CA TYR D 164 1.47 -16.95 -26.63
C TYR D 164 1.24 -18.14 -25.74
N LYS D 165 2.29 -18.88 -25.46
CA LYS D 165 2.17 -20.03 -24.59
C LYS D 165 2.14 -19.45 -23.18
N VAL D 166 1.21 -19.93 -22.35
CA VAL D 166 1.08 -19.42 -20.98
C VAL D 166 2.17 -19.95 -20.07
N GLN D 167 2.93 -18.99 -19.53
CA GLN D 167 4.03 -19.26 -18.62
C GLN D 167 3.52 -19.27 -17.19
N ASP D 168 2.57 -18.40 -16.90
CA ASP D 168 2.04 -18.31 -15.55
C ASP D 168 0.71 -17.61 -15.44
N ILE D 169 0.07 -17.82 -14.29
CA ILE D 169 -1.21 -17.22 -13.95
C ILE D 169 -0.97 -16.70 -12.53
N ILE D 170 -1.34 -15.44 -12.32
CA ILE D 170 -1.10 -14.86 -11.01
C ILE D 170 -2.24 -13.97 -10.61
N VAL D 171 -2.72 -14.16 -9.38
CA VAL D 171 -3.80 -13.35 -8.86
C VAL D 171 -3.10 -12.09 -8.45
N ASP D 172 -3.70 -10.95 -8.74
CA ASP D 172 -3.10 -9.69 -8.42
C ASP D 172 -4.05 -8.56 -8.74
N SER D 173 -3.69 -7.37 -8.27
CA SER D 173 -4.49 -6.19 -8.54
C SER D 173 -3.64 -5.34 -9.46
N LYS D 174 -4.04 -5.20 -10.72
CA LYS D 174 -3.31 -4.39 -11.70
C LYS D 174 -3.93 -4.35 -13.10
N ALA D 175 -3.07 -4.18 -14.12
CA ALA D 175 -3.54 -4.12 -15.51
C ALA D 175 -2.89 -5.19 -16.37
N GLY D 176 -3.59 -5.59 -17.44
CA GLY D 176 -3.05 -6.62 -18.30
C GLY D 176 -4.10 -7.59 -18.83
N ARG D 177 -3.65 -8.77 -19.25
CA ARG D 177 -4.52 -9.81 -19.81
C ARG D 177 -4.99 -10.79 -18.72
N ILE D 178 -6.30 -10.93 -18.59
CA ILE D 178 -6.84 -11.80 -17.55
C ILE D 178 -7.58 -13.05 -18.07
N LEU D 179 -7.87 -13.98 -17.15
CA LEU D 179 -8.71 -15.17 -17.39
C LEU D 179 -10.10 -14.53 -17.48
N SER D 180 -10.68 -14.55 -18.71
CA SER D 180 -11.94 -13.83 -18.92
C SER D 180 -13.25 -14.58 -18.93
N GLY D 181 -13.18 -15.88 -18.64
CA GLY D 181 -14.40 -16.62 -18.55
C GLY D 181 -14.76 -17.48 -19.73
N VAL D 182 -13.80 -17.73 -20.61
CA VAL D 182 -14.05 -18.57 -21.78
C VAL D 182 -12.75 -19.25 -22.12
N SER D 183 -12.74 -20.57 -22.14
CA SER D 183 -11.52 -21.28 -22.48
C SER D 183 -11.87 -22.54 -23.25
N PHE D 184 -10.85 -23.24 -23.74
CA PHE D 184 -11.03 -24.46 -24.50
C PHE D 184 -9.91 -25.38 -24.09
N TRP D 185 -10.24 -26.64 -23.84
CA TRP D 185 -9.26 -27.61 -23.40
C TRP D 185 -9.17 -28.83 -24.33
N ASP D 186 -8.03 -29.02 -24.95
CA ASP D 186 -7.89 -30.15 -25.85
C ASP D 186 -7.76 -31.42 -25.04
N ALA D 187 -7.95 -32.54 -25.72
CA ALA D 187 -7.89 -33.85 -25.10
C ALA D 187 -6.66 -34.17 -24.24
N PRO D 188 -5.42 -33.96 -24.74
CA PRO D 188 -4.23 -34.27 -23.93
C PRO D 188 -4.06 -33.42 -22.67
N THR D 189 -4.41 -32.15 -22.78
CA THR D 189 -4.31 -31.25 -21.65
C THR D 189 -5.43 -31.59 -20.67
N ALA D 190 -6.64 -31.75 -21.18
CA ALA D 190 -7.80 -32.08 -20.36
C ALA D 190 -7.51 -33.30 -19.51
N GLU D 191 -6.78 -34.25 -20.10
CA GLU D 191 -6.41 -35.48 -19.41
C GLU D 191 -5.51 -35.16 -18.21
N LYS D 192 -4.55 -34.27 -18.41
CA LYS D 192 -3.62 -33.89 -17.35
C LYS D 192 -4.38 -33.17 -16.22
N ILE D 193 -5.35 -32.34 -16.62
CA ILE D 193 -6.16 -31.59 -15.68
C ILE D 193 -7.04 -32.49 -14.82
N VAL D 194 -7.79 -33.36 -15.48
CA VAL D 194 -8.69 -34.27 -14.77
C VAL D 194 -7.92 -35.03 -13.69
N SER D 195 -6.65 -35.30 -13.95
CA SER D 195 -5.83 -36.03 -12.98
C SER D 195 -5.53 -35.19 -11.74
N PHE D 196 -5.62 -33.88 -11.87
CA PHE D 196 -5.36 -33.03 -10.72
C PHE D 196 -6.67 -32.88 -9.99
N ILE D 197 -7.77 -32.92 -10.74
CA ILE D 197 -9.11 -32.79 -10.16
C ILE D 197 -9.37 -33.95 -9.19
N ASP D 198 -9.05 -35.17 -9.63
CA ASP D 198 -9.24 -36.36 -8.80
C ASP D 198 -8.45 -36.25 -7.50
N LYS D 199 -7.14 -36.06 -7.61
CA LYS D 199 -6.27 -35.91 -6.44
C LYS D 199 -6.82 -34.82 -5.51
N ALA D 200 -7.17 -33.67 -6.12
CA ALA D 200 -7.73 -32.53 -5.41
C ALA D 200 -9.00 -32.91 -4.65
N TYR D 201 -9.91 -33.59 -5.34
CA TYR D 201 -11.17 -34.04 -4.74
C TYR D 201 -10.89 -35.04 -3.61
N VAL D 202 -10.13 -36.08 -3.92
CA VAL D 202 -9.84 -37.09 -2.93
C VAL D 202 -9.02 -36.51 -1.78
N SER D 203 -8.31 -35.41 -2.04
CA SER D 203 -7.51 -34.76 -1.01
C SER D 203 -8.47 -34.31 0.09
N GLY D 204 -9.68 -33.97 -0.33
CA GLY D 204 -10.69 -33.49 0.61
C GLY D 204 -10.55 -32.00 0.82
N GLU D 205 -9.71 -31.37 0.01
CA GLU D 205 -9.46 -29.93 0.12
C GLU D 205 -9.69 -29.24 -1.22
N PHE D 206 -10.93 -28.84 -1.47
CA PHE D 206 -11.30 -28.21 -2.73
C PHE D 206 -12.54 -27.34 -2.55
N VAL D 207 -13.15 -27.40 -1.37
CA VAL D 207 -14.37 -26.62 -1.11
C VAL D 207 -14.34 -25.27 -1.77
N ASP D 208 -13.43 -24.43 -1.32
CA ASP D 208 -13.30 -23.07 -1.82
C ASP D 208 -12.57 -22.88 -3.16
N LEU D 209 -12.06 -23.99 -3.71
CA LEU D 209 -11.34 -23.94 -4.99
C LEU D 209 -12.21 -23.73 -6.21
N TYR D 210 -11.77 -22.79 -7.08
CA TYR D 210 -12.39 -22.52 -8.35
C TYR D 210 -11.86 -23.67 -9.21
N TRP D 211 -12.64 -24.18 -10.16
CA TRP D 211 -12.07 -25.26 -10.99
C TRP D 211 -10.76 -24.77 -11.58
N ASP D 212 -10.72 -23.47 -11.89
CA ASP D 212 -9.53 -22.79 -12.45
C ASP D 212 -8.25 -22.94 -11.60
N ASN D 213 -8.38 -23.32 -10.34
CA ASN D 213 -7.21 -23.47 -9.49
C ASN D 213 -6.38 -24.64 -9.96
N MET D 214 -7.05 -25.56 -10.66
CA MET D 214 -6.40 -26.75 -11.18
C MET D 214 -5.32 -26.37 -12.19
N VAL D 215 -5.66 -25.41 -13.04
CA VAL D 215 -4.73 -24.92 -14.04
C VAL D 215 -3.68 -24.01 -13.40
N LYS D 216 -4.12 -22.94 -12.75
CA LYS D 216 -3.20 -21.98 -12.13
C LYS D 216 -2.14 -22.63 -11.26
N ASP D 217 -2.55 -23.57 -10.42
CA ASP D 217 -1.61 -24.22 -9.53
C ASP D 217 -0.85 -25.39 -10.16
N ASN D 218 -1.07 -25.61 -11.46
CA ASN D 218 -0.40 -26.71 -12.16
C ASN D 218 0.03 -26.28 -13.55
N ILE D 219 0.02 -24.96 -13.79
CA ILE D 219 0.40 -24.38 -15.08
C ILE D 219 1.73 -24.88 -15.62
N LYS D 220 2.63 -25.25 -14.72
CA LYS D 220 3.95 -25.73 -15.12
C LYS D 220 3.87 -27.03 -15.93
N GLU D 221 2.90 -27.88 -15.61
CA GLU D 221 2.73 -29.15 -16.29
C GLU D 221 1.78 -29.09 -17.49
N LEU D 222 1.20 -27.92 -17.73
CA LEU D 222 0.27 -27.78 -18.84
C LEU D 222 0.73 -26.81 -19.91
N ASP D 223 0.25 -27.04 -21.12
CA ASP D 223 0.56 -26.19 -22.24
C ASP D 223 -0.75 -25.51 -22.62
N VAL D 224 -0.86 -24.23 -22.29
CA VAL D 224 -2.06 -23.46 -22.58
C VAL D 224 -1.62 -22.23 -23.38
N TYR D 225 -2.48 -21.75 -24.27
CA TYR D 225 -2.14 -20.62 -25.10
C TYR D 225 -3.16 -19.54 -24.92
N VAL D 226 -2.74 -18.32 -25.21
CA VAL D 226 -3.64 -17.20 -25.06
C VAL D 226 -4.17 -16.83 -26.40
N GLU D 227 -5.32 -16.19 -26.40
CA GLU D 227 -5.96 -15.73 -27.60
C GLU D 227 -6.48 -14.36 -27.20
N GLU D 228 -5.64 -13.35 -27.40
CA GLU D 228 -5.96 -11.98 -27.05
C GLU D 228 -7.17 -11.52 -27.82
N LEU D 229 -8.16 -11.04 -27.09
CA LEU D 229 -9.37 -10.57 -27.71
C LEU D 229 -9.16 -9.08 -27.79
N GLU D 230 -10.05 -8.37 -28.47
CA GLU D 230 -9.91 -6.93 -28.58
C GLU D 230 -11.25 -6.23 -28.64
N GLY D 231 -11.23 -4.91 -28.46
CA GLY D 231 -12.45 -4.13 -28.47
C GLY D 231 -13.42 -4.63 -27.42
N ASN D 232 -14.71 -4.35 -27.61
CA ASN D 232 -15.76 -4.80 -26.69
C ASN D 232 -16.02 -6.25 -27.03
N SER D 233 -15.63 -7.16 -26.16
CA SER D 233 -15.84 -8.55 -26.50
C SER D 233 -16.52 -9.41 -25.43
N ILE D 234 -15.87 -9.53 -24.26
CA ILE D 234 -16.42 -10.30 -23.14
C ILE D 234 -16.54 -9.35 -21.95
N TYR D 235 -17.76 -9.03 -21.56
CA TYR D 235 -17.95 -8.13 -20.44
C TYR D 235 -18.46 -8.95 -19.27
N GLU D 236 -17.74 -8.92 -18.16
CA GLU D 236 -18.15 -9.67 -16.98
C GLU D 236 -19.04 -8.87 -16.03
N ILE D 237 -20.13 -9.47 -15.57
CA ILE D 237 -21.03 -8.79 -14.63
C ILE D 237 -21.01 -9.48 -13.27
N ASP D 238 -20.26 -8.90 -12.33
CA ASP D 238 -20.13 -9.44 -10.96
C ASP D 238 -20.81 -8.51 -9.96
N SER D 239 -21.36 -7.38 -10.42
CA SER D 239 -22.04 -6.47 -9.51
C SER D 239 -22.95 -5.49 -10.22
N VAL D 240 -23.99 -5.07 -9.53
CA VAL D 240 -24.94 -4.12 -10.09
C VAL D 240 -24.29 -2.92 -10.79
N GLN D 241 -23.05 -2.60 -10.43
CA GLN D 241 -22.40 -1.47 -11.07
C GLN D 241 -21.97 -1.84 -12.48
N ASP D 242 -21.43 -3.05 -12.63
CA ASP D 242 -21.02 -3.53 -13.95
C ASP D 242 -22.27 -3.57 -14.81
N TYR D 243 -23.30 -4.20 -14.29
CA TYR D 243 -24.54 -4.28 -15.02
C TYR D 243 -24.94 -2.86 -15.44
N ARG D 244 -24.67 -1.89 -14.56
CA ARG D 244 -25.01 -0.49 -14.84
C ARG D 244 -24.12 0.07 -15.96
N LYS D 245 -22.86 -0.33 -15.98
CA LYS D 245 -21.91 0.11 -17.01
C LYS D 245 -22.29 -0.48 -18.36
N LEU D 246 -22.14 -1.80 -18.48
CA LEU D 246 -22.47 -2.50 -19.72
C LEU D 246 -23.79 -1.94 -20.27
N GLU D 247 -24.66 -1.50 -19.37
CA GLU D 247 -25.94 -0.92 -19.76
C GLU D 247 -25.65 0.25 -20.71
N GLU D 248 -24.92 1.25 -20.21
CA GLU D 248 -24.56 2.43 -20.98
C GLU D 248 -23.69 2.14 -22.21
N ILE D 249 -22.66 1.31 -22.04
CA ILE D 249 -21.80 0.97 -23.16
C ILE D 249 -22.70 0.61 -24.34
N LEU D 250 -23.81 -0.06 -24.03
CA LEU D 250 -24.77 -0.50 -25.05
C LEU D 250 -25.70 0.64 -25.48
N LYS D 251 -25.71 1.71 -24.69
CA LYS D 251 -26.53 2.89 -24.92
C LYS D 251 -27.33 2.86 -26.22
MG MG E . 10.83 12.80 -10.75
N1 CDC F . 13.52 20.38 -11.67
C2 CDC F . 14.30 21.49 -11.97
N3 CDC F . 13.90 22.75 -11.76
C4 CDC F . 12.65 22.99 -11.22
C5 CDC F . 11.78 21.93 -10.89
C6 CDC F . 12.27 20.64 -11.13
O2 CDC F . 15.46 21.40 -12.47
N4 CDC F . 12.30 24.30 -11.06
C1' CDC F . 14.00 19.00 -11.97
C2' CDC F . 14.25 18.14 -10.78
O2' CDC F . 15.46 18.51 -10.17
C3' CDC F . 14.23 16.75 -11.38
C4' CDC F . 13.39 16.90 -12.67
O4' CDC F . 13.04 18.28 -12.68
O3' CDC F . 15.50 16.24 -11.82
C5' CDC F . 12.26 15.96 -12.41
O5' CDC F . 11.05 16.64 -12.13
PA CDC F . 10.33 16.45 -10.63
O1A CDC F . 10.61 17.69 -9.78
O2A CDC F . 11.04 15.17 -10.08
O3A CDC F . 8.73 16.25 -10.74
PB CDC F . 8.11 15.03 -11.64
O1B CDC F . 8.30 15.30 -13.27
O2B CDC F . 8.64 13.66 -11.15
O3B CDC F . 6.59 15.19 -11.42
C14 CDC F . 7.59 14.34 -13.99
C15 CDC F . 7.71 14.63 -15.53
N11 CDC F . 6.37 14.81 -16.21
C16 CDC F . 6.42 15.90 -17.21
C17 CDC F . 6.03 13.54 -16.86
C18 CDC F . 5.28 15.17 -15.27
MG MG G . 18.65 14.63 12.53
N1 CDC H . 11.68 10.14 12.28
C2 CDC H . 10.44 9.64 12.62
N3 CDC H . 9.54 9.25 11.71
C4 CDC H . 9.82 9.34 10.38
C5 CDC H . 11.06 9.80 9.94
C6 CDC H . 11.95 10.21 10.93
O2 CDC H . 10.05 9.54 13.79
N4 CDC H . 8.89 8.93 9.55
C1' CDC H . 12.66 10.61 13.31
C2' CDC H . 14.07 10.04 13.16
O2' CDC H . 14.17 8.74 13.69
C3' CDC H . 14.92 11.07 13.82
C4' CDC H . 14.09 12.38 13.82
O4' CDC H . 12.87 12.01 13.18
O3' CDC H . 15.21 10.84 15.20
C5' CDC H . 15.04 13.22 13.04
O5' CDC H . 14.70 13.49 11.71
PA CDC H . 15.77 13.04 10.52
O1A CDC H . 15.23 11.76 9.80
O2A CDC H . 17.10 12.68 11.25
O3A CDC H . 16.00 14.28 9.43
PB CDC H . 16.52 15.79 9.83
O1B CDC H . 15.33 16.60 10.64
O2B CDC H . 17.90 15.70 10.56
O3B CDC H . 16.64 16.55 8.47
C14 CDC H . 15.64 17.93 10.87
C15 CDC H . 14.43 18.62 11.59
N11 CDC H . 13.98 19.91 10.94
C16 CDC H . 12.52 20.09 11.08
C17 CDC H . 14.69 21.03 11.59
C18 CDC H . 14.30 19.93 9.48
MG MG I . -13.20 -16.42 11.44
N1 CDC J . -6.69 -12.19 10.13
C2 CDC J . -5.76 -11.17 10.06
N3 CDC J . -4.53 -11.36 9.61
C4 CDC J . -4.12 -12.59 9.18
C5 CDC J . -5.00 -13.68 9.20
C6 CDC J . -6.29 -13.42 9.69
O2 CDC J . -6.00 -10.02 10.42
N4 CDC J . -2.86 -12.69 8.74
C1' CDC J . -8.05 -11.91 10.67
C2' CDC J . -9.14 -12.04 9.67
O2' CDC J . -9.17 -10.89 8.87
C3' CDC J . -10.35 -12.29 10.54
C4' CDC J . -9.76 -12.83 11.85
O4' CDC J . -8.36 -12.84 11.66
O3' CDC J . -11.07 -11.13 10.92
C5' CDC J . -10.39 -14.21 12.01
O5' CDC J . -9.45 -15.26 11.88
PA CDC J . -9.60 -16.36 10.65
O1A CDC J . -8.48 -16.09 9.62
O2A CDC J . -10.99 -16.07 10.11
O3A CDC J . -9.50 -17.92 11.17
PB CDC J . -10.48 -18.50 12.34
O1B CDC J . -10.06 -17.93 13.82
O2B CDC J . -11.98 -18.29 11.97
O3B CDC J . -10.09 -20.01 12.41
C14 CDC J . -10.75 -18.59 14.84
C15 CDC J . -10.23 -18.04 16.20
N11 CDC J . -9.58 -19.06 17.09
C16 CDC J . -8.45 -18.45 17.81
C17 CDC J . -10.61 -19.51 18.03
C18 CDC J . -9.05 -20.24 16.34
MG MG K . -17.82 -13.65 -12.53
N1 CDC L . -20.45 -21.17 -10.19
C2 CDC L . -20.87 -22.49 -10.23
N3 CDC L . -20.94 -23.26 -9.14
C4 CDC L . -20.61 -22.76 -7.90
C5 CDC L . -20.18 -21.44 -7.76
C6 CDC L . -20.11 -20.69 -8.93
O2 CDC L . -21.20 -23.05 -11.28
N4 CDC L . -20.70 -23.58 -6.86
C1' CDC L . -20.35 -20.33 -11.43
C2' CDC L . -21.20 -19.08 -11.39
O2' CDC L . -22.57 -19.40 -11.54
C3' CDC L . -20.63 -18.29 -12.48
C4' CDC L . -19.17 -18.79 -12.62
O4' CDC L . -19.06 -19.80 -11.62
O3' CDC L . -21.23 -18.52 -13.75
C5' CDC L . -18.44 -17.49 -12.38
O5' CDC L . -17.80 -17.40 -11.13
PA CDC L . -18.36 -16.36 -9.96
O1A CDC L . -19.27 -17.18 -9.02
O2A CDC L . -19.24 -15.28 -10.65
O3A CDC L . -17.10 -15.74 -9.11
PB CDC L . -15.81 -15.08 -9.84
O1B CDC L . -14.96 -16.25 -10.60
O2B CDC L . -16.26 -13.87 -10.72
O3B CDC L . -14.87 -14.60 -8.70
C14 CDC L . -13.78 -15.77 -11.10
C15 CDC L . -12.99 -16.93 -11.77
N11 CDC L . -11.50 -16.82 -11.58
C16 CDC L . -10.86 -18.15 -11.66
C17 CDC L . -10.94 -15.92 -12.62
C18 CDC L . -11.18 -16.27 -10.24
#